data_3ARF
#
_entry.id   3ARF
#
_cell.length_a   58.950
_cell.length_b   87.046
_cell.length_c   234.860
_cell.angle_alpha   90.00
_cell.angle_beta   90.00
_cell.angle_gamma   90.00
#
_symmetry.space_group_name_H-M   'P 21 21 21'
#
loop_
_entity.id
_entity.type
_entity.pdbx_description
1 polymer 'Antigen-presenting glycoprotein CD1d1'
2 polymer Beta-2-microglobulin
3 polymer 'NKT Valpha14-Jalpha18,NKT Valpha14-Jalpha18'
4 polymer Vbeta8.2,Vbeta8.2
5 branched 2-acetamido-2-deoxy-beta-D-glucopyranose-(1-4)-2-acetamido-2-deoxy-beta-D-glucopyranose
6 non-polymer (11Z,14E)-N-[(2S,3S,4R)-1-(alpha-D-galactopyranosyloxy)-3,4-dihydroxyoctadecan-2-yl]icosa-11,14-dienamide
7 water water
#
loop_
_entity_poly.entity_id
_entity_poly.type
_entity_poly.pdbx_seq_one_letter_code
_entity_poly.pdbx_strand_id
1 'polypeptide(L)'
;SEAQQKNYTFRCLQMSSFANRSWSRTDSVVWLGDLQTHRWSNDSATISFTKPWSQGKLSNQQWEKLQHMFQVYRVSFTRD
IQELVKMMSPKEDYPIEIQLSAGCEMYPGNASESFLHVAFQGKYVVRFWGTSWQTVPGAPSWLDLPIKVLNADQGTSATV
QMLLNDTCPLFVRGLLEAGKSDLEKQEKPVAWLSSVPSSAHGHRQLVCHVSGFYPKPVWVMWMRGDQEQQGTHRGDFLPN
ADETWYLQATLDVEAGEEAGLACRVKHSSLGGQDIILYWGSLHHILDAQKMVWNHRHHHHHH
;
A
2 'polypeptide(L)'
;IQKTPQIQVYSRHPPENGKPNILNCYVTQFHPPHIEIQMLKNGKKIPKVEMSDMSFSKDWSFYILAHTEFTPTETDTYAC
RVKHASMAEPKTVYWDRDM
;
B
3 'polypeptide(L)'
;TQVEQSPQSLVVRQGENSVLQCNYSVTPDNHLRWFKQDTGKGLVSLTVLVDQKDKTSNGRYSATLDKDAKHSTLHITATL
LDDTATYICVVGDRGSALGRLHFGAGTQLIVIPDIQNPDPAVYQLRDSKSSDKSVCLFTDFDSQTNVSQSKDSDVYITDK
CVLDMRSMDFKSNSAVAWSNKSDFACANAFNNSIIPEDTFFPSPESS
;
C
4 'polypeptide(L)'
;EAAVTQSPRNKVAVTGGKVTLSCNQTNNHNNMYWYRQDTGHGLRLIHYSYGAGSTEKGDIPDGYKASRPSQENFSLILEL
ATPSQTSVYFCASGDAGGNYAEQFFGPGTRLTVLEDLKNVFPPEVAVFEPSEAEISHTQKATLVCLATGFYPDHVELSWW
VNGKEVHSGVCTDPQPLKEQPALNDSRYALSSRLRVSATFWQNPRNHFRCQVQFYGLSENDEWTQDRAKPVTQIVSAEAW
GRAD
;
D
#
loop_
_chem_comp.id
_chem_comp.type
_chem_comp.name
_chem_comp.formula
DB3 non-polymer (11Z,14E)-N-[(2S,3S,4R)-1-(alpha-D-galactopyranosyloxy)-3,4-dihydroxyoctadecan-2-yl]icosa-11,14-dienamide 'C44 H83 N O9'
NAG D-saccharide, beta linking 2-acetamido-2-deoxy-beta-D-glucopyranose 'C8 H15 N O6'
#
# COMPACT_ATOMS: atom_id res chain seq x y z
N ASN A 7 -31.42 -28.44 -0.28
CA ASN A 7 -30.53 -27.72 -1.25
C ASN A 7 -30.72 -26.20 -1.20
N TYR A 8 -29.72 -25.49 -0.67
CA TYR A 8 -29.73 -24.03 -0.59
C TYR A 8 -28.35 -23.45 -0.90
N THR A 9 -28.31 -22.48 -1.82
CA THR A 9 -27.06 -21.86 -2.24
C THR A 9 -26.94 -20.44 -1.71
N PHE A 10 -25.84 -20.19 -1.02
CA PHE A 10 -25.55 -18.87 -0.47
C PHE A 10 -24.46 -18.22 -1.31
N ARG A 11 -24.74 -17.03 -1.85
CA ARG A 11 -23.79 -16.38 -2.75
C ARG A 11 -23.49 -14.92 -2.42
N CYS A 12 -22.20 -14.62 -2.34
CA CYS A 12 -21.71 -13.25 -2.29
C CYS A 12 -21.19 -12.87 -3.67
N LEU A 13 -21.91 -11.97 -4.33
CA LEU A 13 -21.55 -11.49 -5.65
C LEU A 13 -20.95 -10.10 -5.54
N GLN A 14 -19.74 -9.95 -6.06
CA GLN A 14 -19.03 -8.69 -6.07
C GLN A 14 -18.74 -8.26 -7.50
N MET A 15 -18.97 -6.97 -7.79
CA MET A 15 -18.55 -6.39 -9.07
C MET A 15 -17.68 -5.15 -8.87
N SER A 16 -16.48 -5.19 -9.45
CA SER A 16 -15.53 -4.08 -9.38
C SER A 16 -15.25 -3.53 -10.77
N SER A 17 -15.33 -2.20 -10.89
CA SER A 17 -15.02 -1.52 -12.13
C SER A 17 -13.76 -0.67 -11.97
N PHE A 18 -12.83 -0.82 -12.90
CA PHE A 18 -11.63 0.01 -12.95
C PHE A 18 -11.58 0.73 -14.29
N ALA A 19 -11.89 2.03 -14.26
CA ALA A 19 -11.98 2.82 -15.48
C ALA A 19 -10.62 3.29 -15.98
N ASN A 20 -9.76 3.67 -15.04
CA ASN A 20 -8.41 4.16 -15.34
C ASN A 20 -7.47 3.99 -14.14
N ARG A 21 -6.37 4.74 -14.16
CA ARG A 21 -5.31 4.62 -13.17
C ARG A 21 -5.75 4.96 -11.75
N SER A 22 -6.76 5.83 -11.62
CA SER A 22 -7.22 6.29 -10.30
C SER A 22 -8.69 6.00 -9.98
N TRP A 23 -9.56 6.02 -10.98
CA TRP A 23 -10.99 5.80 -10.76
C TRP A 23 -11.35 4.32 -10.63
N SER A 24 -12.14 4.00 -9.60
CA SER A 24 -12.59 2.64 -9.32
C SER A 24 -13.79 2.63 -8.38
N ARG A 25 -14.64 1.62 -8.51
CA ARG A 25 -15.68 1.34 -7.51
C ARG A 25 -16.01 -0.15 -7.41
N THR A 26 -16.23 -0.59 -6.18
CA THR A 26 -16.59 -1.99 -5.90
C THR A 26 -17.96 -2.05 -5.22
N ASP A 27 -18.86 -2.81 -5.84
CA ASP A 27 -20.20 -3.03 -5.29
C ASP A 27 -20.45 -4.52 -5.07
N SER A 28 -21.11 -4.84 -3.97
CA SER A 28 -21.38 -6.24 -3.61
C SER A 28 -22.80 -6.45 -3.10
N VAL A 29 -23.39 -7.57 -3.49
CA VAL A 29 -24.69 -8.01 -2.96
C VAL A 29 -24.61 -9.45 -2.46
N VAL A 30 -25.49 -9.80 -1.53
CA VAL A 30 -25.48 -11.14 -0.93
C VAL A 30 -26.85 -11.80 -0.98
N TRP A 31 -26.90 -12.95 -1.65
CA TRP A 31 -28.14 -13.72 -1.83
C TRP A 31 -28.10 -15.09 -1.14
N LEU A 32 -29.13 -15.39 -0.36
CA LEU A 32 -29.37 -16.75 0.12
C LEU A 32 -30.57 -17.33 -0.61
N GLY A 33 -30.34 -18.42 -1.35
CA GLY A 33 -31.37 -19.01 -2.20
C GLY A 33 -31.67 -18.02 -3.31
N ASP A 34 -32.79 -17.31 -3.17
CA ASP A 34 -33.05 -16.13 -4.01
C ASP A 34 -33.73 -15.00 -3.21
N LEU A 35 -33.17 -14.72 -2.03
CA LEU A 35 -33.55 -13.55 -1.25
C LEU A 35 -32.28 -12.76 -0.94
N GLN A 36 -32.30 -11.47 -1.23
CA GLN A 36 -31.16 -10.61 -0.98
C GLN A 36 -31.09 -10.29 0.52
N THR A 37 -29.97 -10.69 1.15
CA THR A 37 -29.80 -10.45 2.58
C THR A 37 -28.90 -9.26 2.89
N HIS A 38 -27.83 -9.09 2.11
CA HIS A 38 -26.90 -7.99 2.32
C HIS A 38 -26.64 -7.15 1.07
N ARG A 39 -26.65 -5.83 1.25
CA ARG A 39 -26.13 -4.90 0.26
C ARG A 39 -24.92 -4.19 0.85
N TRP A 40 -23.94 -3.89 -0.01
CA TRP A 40 -22.79 -3.09 0.37
C TRP A 40 -22.33 -2.30 -0.84
N SER A 41 -22.76 -1.04 -0.90
CA SER A 41 -22.42 -0.16 -1.99
C SER A 41 -21.10 0.54 -1.72
N ASN A 42 -20.36 0.85 -2.79
CA ASN A 42 -19.08 1.56 -2.69
C ASN A 42 -19.22 2.88 -1.94
N ASP A 43 -20.40 3.48 -2.04
CA ASP A 43 -20.71 4.74 -1.39
C ASP A 43 -20.74 4.65 0.14
N SER A 44 -20.89 3.44 0.66
CA SER A 44 -20.92 3.19 2.11
C SER A 44 -19.74 2.33 2.56
N ALA A 45 -19.31 2.53 3.80
CA ALA A 45 -18.23 1.73 4.37
C ALA A 45 -18.75 0.74 5.42
N THR A 46 -20.01 0.35 5.27
CA THR A 46 -20.67 -0.60 6.17
C THR A 46 -21.54 -1.56 5.38
N ILE A 47 -21.40 -2.86 5.64
CA ILE A 47 -22.31 -3.86 5.10
C ILE A 47 -23.68 -3.66 5.74
N SER A 48 -24.70 -3.55 4.89
CA SER A 48 -26.06 -3.30 5.35
C SER A 48 -26.91 -4.57 5.32
N PHE A 49 -27.68 -4.77 6.39
CA PHE A 49 -28.71 -5.80 6.41
C PHE A 49 -29.90 -5.31 5.58
N THR A 50 -30.49 -6.22 4.81
CA THR A 50 -31.72 -5.93 4.07
C THR A 50 -32.87 -6.79 4.61
N LYS A 51 -32.56 -7.61 5.60
CA LYS A 51 -33.56 -8.38 6.33
C LYS A 51 -33.29 -8.23 7.83
N PRO A 52 -34.35 -8.26 8.66
CA PRO A 52 -34.18 -8.19 10.12
C PRO A 52 -33.42 -9.39 10.70
N TRP A 53 -33.08 -10.36 9.85
CA TRP A 53 -32.37 -11.56 10.28
C TRP A 53 -31.03 -11.79 9.56
N SER A 54 -30.54 -10.75 8.88
CA SER A 54 -29.34 -10.87 8.06
C SER A 54 -28.04 -11.10 8.85
N GLN A 55 -28.10 -10.84 10.16
CA GLN A 55 -26.98 -11.11 11.06
C GLN A 55 -26.85 -12.61 11.36
N GLY A 56 -27.83 -13.40 10.92
CA GLY A 56 -27.86 -14.83 11.16
C GLY A 56 -27.94 -15.15 12.64
N LYS A 57 -27.13 -16.11 13.07
CA LYS A 57 -26.99 -16.46 14.49
C LYS A 57 -25.62 -15.99 15.03
N LEU A 58 -25.23 -14.78 14.64
CA LEU A 58 -23.96 -14.19 15.07
C LEU A 58 -24.16 -13.09 16.10
N SER A 59 -23.19 -12.93 16.99
CA SER A 59 -23.23 -11.86 17.98
C SER A 59 -22.67 -10.57 17.40
N ASN A 60 -22.96 -9.45 18.05
CA ASN A 60 -22.47 -8.14 17.62
C ASN A 60 -20.95 -8.13 17.43
N GLN A 61 -20.22 -8.56 18.46
CA GLN A 61 -18.77 -8.67 18.42
C GLN A 61 -18.27 -9.63 17.34
N GLN A 62 -19.07 -10.65 17.03
CA GLN A 62 -18.75 -11.60 15.97
C GLN A 62 -18.96 -10.96 14.60
N TRP A 63 -19.98 -10.11 14.51
CA TRP A 63 -20.30 -9.41 13.27
C TRP A 63 -19.29 -8.31 12.95
N GLU A 64 -18.90 -7.55 13.97
CA GLU A 64 -17.94 -6.46 13.78
C GLU A 64 -16.62 -6.96 13.23
N LYS A 65 -16.12 -8.07 13.78
CA LYS A 65 -14.87 -8.69 13.33
C LYS A 65 -14.93 -9.12 11.87
N LEU A 66 -16.07 -9.69 11.47
CA LEU A 66 -16.27 -10.11 10.09
C LEU A 66 -16.43 -8.91 9.15
N GLN A 67 -17.15 -7.88 9.60
CA GLN A 67 -17.33 -6.67 8.81
C GLN A 67 -16.00 -5.96 8.58
N HIS A 68 -15.19 -5.89 9.63
CA HIS A 68 -13.87 -5.26 9.56
C HIS A 68 -12.92 -6.04 8.66
N MET A 69 -13.02 -7.37 8.71
CA MET A 69 -12.27 -8.26 7.83
C MET A 69 -12.48 -7.84 6.36
N PHE A 70 -13.73 -7.68 5.97
CA PHE A 70 -14.11 -7.25 4.63
C PHE A 70 -13.76 -5.79 4.35
N GLN A 71 -13.85 -4.95 5.37
CA GLN A 71 -13.50 -3.55 5.23
C GLN A 71 -12.05 -3.42 4.79
N VAL A 72 -11.16 -4.15 5.46
CA VAL A 72 -9.75 -4.23 5.08
C VAL A 72 -9.62 -4.80 3.67
N TYR A 73 -10.42 -5.82 3.36
CA TYR A 73 -10.40 -6.48 2.06
C TYR A 73 -10.68 -5.52 0.89
N ARG A 74 -11.76 -4.76 1.00
CA ARG A 74 -12.20 -3.87 -0.07
C ARG A 74 -11.08 -2.91 -0.52
N VAL A 75 -10.50 -2.21 0.45
CA VAL A 75 -9.45 -1.21 0.18
C VAL A 75 -8.16 -1.87 -0.31
N SER A 76 -7.91 -3.08 0.17
CA SER A 76 -6.72 -3.84 -0.23
C SER A 76 -6.87 -4.40 -1.65
N PHE A 77 -8.05 -4.96 -1.95
CA PHE A 77 -8.35 -5.52 -3.26
C PHE A 77 -8.14 -4.49 -4.37
N THR A 78 -8.79 -3.35 -4.22
CA THR A 78 -8.67 -2.25 -5.18
C THR A 78 -7.20 -1.98 -5.46
N ARG A 79 -6.44 -1.71 -4.41
CA ARG A 79 -5.03 -1.33 -4.53
C ARG A 79 -4.15 -2.45 -5.08
N ASP A 80 -4.57 -3.70 -4.87
CA ASP A 80 -3.85 -4.85 -5.44
C ASP A 80 -4.00 -4.95 -6.96
N ILE A 81 -5.23 -4.83 -7.45
CA ILE A 81 -5.50 -4.90 -8.88
C ILE A 81 -4.75 -3.79 -9.60
N GLN A 82 -4.85 -2.57 -9.07
CA GLN A 82 -4.14 -1.41 -9.60
C GLN A 82 -2.66 -1.70 -9.80
N GLU A 83 -2.05 -2.36 -8.81
CA GLU A 83 -0.61 -2.68 -8.87
C GLU A 83 -0.30 -3.80 -9.87
N LEU A 84 -1.21 -4.75 -9.98
CA LEU A 84 -1.06 -5.83 -10.95
C LEU A 84 -1.13 -5.32 -12.40
N VAL A 85 -2.04 -4.37 -12.63
CA VAL A 85 -2.14 -3.67 -13.91
C VAL A 85 -0.80 -3.03 -14.25
N LYS A 86 -0.20 -2.37 -13.25
CA LYS A 86 1.12 -1.74 -13.40
C LYS A 86 2.23 -2.76 -13.67
N MET A 87 2.05 -3.99 -13.15
CA MET A 87 3.00 -5.07 -13.37
C MET A 87 2.92 -5.60 -14.80
N MET A 88 1.70 -5.61 -15.34
CA MET A 88 1.46 -6.02 -16.72
C MET A 88 1.20 -4.78 -17.58
N SER A 89 1.99 -3.72 -17.34
CA SER A 89 1.75 -2.40 -17.93
C SER A 89 1.38 -2.45 -19.42
N PRO A 90 2.26 -3.00 -20.29
CA PRO A 90 1.93 -3.04 -21.72
C PRO A 90 0.90 -4.12 -22.08
N LYS A 91 0.76 -5.14 -21.23
CA LYS A 91 -0.11 -6.30 -21.49
C LYS A 91 -1.60 -5.94 -21.44
N GLU A 92 -2.13 -5.81 -20.23
CA GLU A 92 -3.52 -5.44 -20.01
C GLU A 92 -3.62 -3.94 -19.67
N ASP A 93 -4.74 -3.32 -20.03
CA ASP A 93 -5.00 -1.91 -19.72
C ASP A 93 -6.49 -1.62 -19.55
N TYR A 94 -6.79 -0.49 -18.93
CA TYR A 94 -8.16 -0.10 -18.58
C TYR A 94 -9.01 0.19 -19.82
N PRO A 95 -10.36 0.06 -19.69
CA PRO A 95 -11.11 -0.27 -18.47
C PRO A 95 -11.14 -1.77 -18.17
N ILE A 96 -11.09 -2.11 -16.88
CA ILE A 96 -11.05 -3.51 -16.46
C ILE A 96 -12.23 -3.82 -15.54
N GLU A 97 -12.93 -4.91 -15.85
CA GLU A 97 -14.08 -5.35 -15.07
C GLU A 97 -13.82 -6.69 -14.39
N ILE A 98 -13.94 -6.69 -13.06
CA ILE A 98 -13.68 -7.88 -12.25
C ILE A 98 -14.93 -8.27 -11.46
N GLN A 99 -15.25 -9.55 -11.48
CA GLN A 99 -16.43 -10.09 -10.79
C GLN A 99 -16.05 -11.25 -9.89
N LEU A 100 -16.46 -11.18 -8.63
CA LEU A 100 -16.24 -12.27 -7.68
C LEU A 100 -17.54 -12.92 -7.24
N SER A 101 -17.65 -14.22 -7.46
CA SER A 101 -18.78 -15.00 -6.98
C SER A 101 -18.26 -15.99 -5.96
N ALA A 102 -18.63 -15.77 -4.71
CA ALA A 102 -18.07 -16.55 -3.61
C ALA A 102 -19.15 -16.96 -2.64
N GLY A 103 -19.35 -18.27 -2.51
CA GLY A 103 -20.29 -18.79 -1.54
C GLY A 103 -20.05 -20.22 -1.11
N CYS A 104 -21.15 -20.88 -0.74
CA CYS A 104 -21.16 -22.27 -0.32
C CYS A 104 -22.59 -22.79 -0.45
N GLU A 105 -22.73 -24.05 -0.86
CA GLU A 105 -24.04 -24.69 -0.99
C GLU A 105 -24.27 -25.68 0.14
N MET A 106 -25.42 -25.57 0.80
CA MET A 106 -25.73 -26.44 1.95
C MET A 106 -26.47 -27.72 1.54
N TYR A 107 -26.26 -28.78 2.32
CA TYR A 107 -26.88 -30.07 2.06
C TYR A 107 -27.41 -30.70 3.35
N GLY A 109 -27.46 -33.37 5.21
CA GLY A 109 -27.17 -33.79 6.57
C GLY A 109 -25.86 -33.23 7.09
N ASN A 110 -25.86 -31.92 7.38
CA ASN A 110 -24.69 -31.21 7.91
C ASN A 110 -23.45 -31.38 7.02
N ALA A 111 -23.59 -31.05 5.74
CA ALA A 111 -22.51 -31.15 4.75
C ALA A 111 -22.63 -30.03 3.72
N SER A 112 -21.49 -29.55 3.22
CA SER A 112 -21.48 -28.43 2.29
C SER A 112 -20.28 -28.44 1.34
N GLU A 113 -20.31 -27.55 0.35
CA GLU A 113 -19.17 -27.34 -0.54
C GLU A 113 -19.06 -25.86 -0.89
N SER A 114 -17.90 -25.27 -0.60
CA SER A 114 -17.66 -23.85 -0.82
C SER A 114 -16.97 -23.58 -2.15
N PHE A 115 -17.00 -22.32 -2.57
CA PHE A 115 -16.42 -21.90 -3.85
C PHE A 115 -16.11 -20.41 -3.87
N LEU A 116 -15.05 -20.05 -4.60
CA LEU A 116 -14.74 -18.65 -4.88
C LEU A 116 -14.29 -18.50 -6.33
N HIS A 117 -15.17 -17.95 -7.16
CA HIS A 117 -14.90 -17.79 -8.58
C HIS A 117 -14.63 -16.33 -8.93
N VAL A 118 -13.61 -16.10 -9.76
CA VAL A 118 -13.23 -14.76 -10.20
C VAL A 118 -13.27 -14.64 -11.73
N ALA A 119 -13.83 -13.54 -12.22
CA ALA A 119 -13.96 -13.28 -13.65
C ALA A 119 -13.19 -12.03 -14.10
N PHE A 120 -12.54 -12.12 -15.26
CA PHE A 120 -11.80 -10.99 -15.83
C PHE A 120 -12.35 -10.63 -17.22
N GLN A 121 -12.90 -9.42 -17.31
CA GLN A 121 -13.57 -8.91 -18.52
C GLN A 121 -14.78 -9.77 -18.92
N GLY A 122 -15.52 -10.24 -17.93
CA GLY A 122 -16.72 -11.04 -18.16
C GLY A 122 -16.46 -12.53 -18.35
N LYS A 123 -15.20 -12.93 -18.33
CA LYS A 123 -14.82 -14.34 -18.53
C LYS A 123 -14.22 -14.93 -17.24
N TYR A 124 -14.66 -16.14 -16.92
CA TYR A 124 -14.26 -16.86 -15.71
C TYR A 124 -12.84 -17.42 -15.84
N VAL A 125 -11.90 -16.86 -15.07
CA VAL A 125 -10.47 -17.21 -15.22
C VAL A 125 -9.80 -17.86 -14.01
N VAL A 126 -10.23 -17.50 -12.80
CA VAL A 126 -9.57 -17.94 -11.58
C VAL A 126 -10.55 -18.42 -10.51
N ARG A 127 -10.10 -19.38 -9.70
CA ARG A 127 -10.80 -19.85 -8.50
C ARG A 127 -9.79 -20.16 -7.40
N PHE A 128 -10.24 -20.08 -6.16
CA PHE A 128 -9.43 -20.51 -5.01
C PHE A 128 -9.68 -22.00 -4.76
N TRP A 129 -8.66 -22.82 -5.03
CA TRP A 129 -8.82 -24.27 -4.91
C TRP A 129 -7.87 -24.89 -3.88
N GLY A 130 -8.41 -25.16 -2.69
CA GLY A 130 -7.64 -25.74 -1.61
C GLY A 130 -6.93 -24.71 -0.76
N THR A 131 -5.69 -24.40 -1.12
CA THR A 131 -4.85 -23.46 -0.36
C THR A 131 -4.40 -22.25 -1.19
N SER A 132 -4.65 -22.28 -2.49
CA SER A 132 -4.12 -21.26 -3.39
C SER A 132 -5.09 -20.85 -4.49
N TRP A 133 -4.70 -19.84 -5.27
CA TRP A 133 -5.44 -19.41 -6.45
C TRP A 133 -5.05 -20.28 -7.65
N GLN A 134 -6.01 -20.52 -8.54
CA GLN A 134 -5.79 -21.39 -9.70
C GLN A 134 -6.36 -20.83 -10.99
N THR A 135 -5.59 -20.90 -12.07
CA THR A 135 -6.08 -20.52 -13.37
C THR A 135 -6.88 -21.68 -13.97
N VAL A 136 -8.15 -21.39 -14.29
CA VAL A 136 -9.07 -22.35 -14.87
C VAL A 136 -8.64 -22.68 -16.29
N PRO A 137 -8.68 -23.98 -16.68
CA PRO A 137 -8.37 -24.37 -18.06
C PRO A 137 -9.14 -23.51 -19.06
N GLY A 138 -8.40 -22.88 -19.98
CA GLY A 138 -8.97 -21.92 -20.92
C GLY A 138 -8.76 -20.48 -20.47
N ALA A 139 -7.79 -20.28 -19.58
CA ALA A 139 -7.41 -18.94 -19.13
C ALA A 139 -6.28 -18.40 -20.01
N PRO A 140 -6.15 -17.07 -20.11
CA PRO A 140 -5.01 -16.51 -20.85
C PRO A 140 -3.69 -16.75 -20.11
N SER A 141 -2.64 -17.05 -20.87
CA SER A 141 -1.34 -17.44 -20.32
C SER A 141 -0.59 -16.30 -19.61
N TRP A 142 -1.07 -15.07 -19.77
CA TRP A 142 -0.45 -13.92 -19.09
C TRP A 142 -0.79 -13.86 -17.60
N LEU A 143 -1.80 -14.62 -17.18
CA LEU A 143 -2.24 -14.61 -15.79
C LEU A 143 -1.34 -15.39 -14.84
N ASP A 144 -0.41 -16.17 -15.39
CA ASP A 144 0.45 -17.05 -14.59
C ASP A 144 1.27 -16.28 -13.55
N LEU A 145 1.89 -15.17 -13.96
CA LEU A 145 2.67 -14.33 -13.05
C LEU A 145 1.86 -13.71 -11.89
N PRO A 146 0.75 -12.99 -12.19
CA PRO A 146 -0.04 -12.38 -11.11
C PRO A 146 -0.57 -13.38 -10.09
N ILE A 147 -0.81 -14.61 -10.54
CA ILE A 147 -1.23 -15.69 -9.65
C ILE A 147 -0.08 -16.09 -8.74
N LYS A 148 1.12 -16.20 -9.32
CA LYS A 148 2.33 -16.49 -8.54
C LYS A 148 2.60 -15.41 -7.50
N VAL A 149 2.21 -14.17 -7.80
CA VAL A 149 2.40 -13.05 -6.90
C VAL A 149 1.43 -13.14 -5.71
N LEU A 150 0.18 -13.48 -6.00
CA LEU A 150 -0.86 -13.56 -4.98
C LEU A 150 -0.70 -14.76 -4.06
N ASN A 151 -0.24 -15.88 -4.62
CA ASN A 151 -0.04 -17.12 -3.87
C ASN A 151 1.07 -17.03 -2.82
N ALA A 152 1.99 -16.10 -3.04
CA ALA A 152 3.06 -15.82 -2.09
C ALA A 152 2.54 -15.33 -0.74
N ASP A 153 1.34 -14.76 -0.74
CA ASP A 153 0.72 -14.28 0.49
C ASP A 153 0.18 -15.43 1.33
N GLN A 154 0.93 -15.81 2.36
CA GLN A 154 0.49 -16.83 3.30
C GLN A 154 -0.69 -16.34 4.14
N GLY A 155 -0.69 -15.05 4.46
CA GLY A 155 -1.71 -14.45 5.32
C GLY A 155 -3.11 -14.47 4.74
N THR A 156 -3.23 -14.10 3.46
CA THR A 156 -4.53 -14.08 2.79
C THR A 156 -5.05 -15.50 2.63
N SER A 157 -4.23 -16.36 2.04
CA SER A 157 -4.55 -17.79 1.90
C SER A 157 -5.18 -18.36 3.18
N ALA A 158 -4.56 -18.07 4.31
CA ALA A 158 -5.06 -18.49 5.61
C ALA A 158 -6.49 -18.02 5.88
N THR A 159 -6.76 -16.74 5.59
CA THR A 159 -8.06 -16.13 5.86
C THR A 159 -9.13 -16.63 4.91
N VAL A 160 -8.78 -16.77 3.63
CA VAL A 160 -9.69 -17.30 2.61
C VAL A 160 -10.12 -18.73 2.94
N GLN A 161 -9.15 -19.56 3.33
CA GLN A 161 -9.41 -20.95 3.71
C GLN A 161 -10.36 -21.03 4.89
N MET A 162 -10.11 -20.22 5.92
CA MET A 162 -10.96 -20.16 7.11
C MET A 162 -12.41 -19.83 6.76
N LEU A 163 -12.59 -18.90 5.82
CA LEU A 163 -13.91 -18.48 5.37
C LEU A 163 -14.61 -19.56 4.55
N LEU A 164 -13.90 -20.07 3.54
CA LEU A 164 -14.45 -21.11 2.66
C LEU A 164 -14.65 -22.44 3.38
N ASN A 165 -13.64 -22.90 4.12
CA ASN A 165 -13.74 -24.16 4.85
C ASN A 165 -14.69 -24.14 6.04
N ASP A 166 -14.64 -23.06 6.83
CA ASP A 166 -15.28 -23.05 8.14
C ASP A 166 -16.37 -21.99 8.32
N THR A 167 -16.06 -20.73 7.99
CA THR A 167 -16.98 -19.61 8.26
C THR A 167 -18.25 -19.58 7.41
N CYS A 168 -18.11 -19.74 6.09
CA CYS A 168 -19.27 -19.75 5.17
C CYS A 168 -20.36 -20.74 5.62
N PRO A 169 -19.99 -22.01 5.89
CA PRO A 169 -20.98 -22.98 6.34
C PRO A 169 -21.54 -22.69 7.72
N LEU A 170 -20.70 -22.20 8.63
CA LEU A 170 -21.13 -21.89 9.99
C LEU A 170 -22.13 -20.74 10.02
N PHE A 171 -21.94 -19.78 9.12
CA PHE A 171 -22.81 -18.62 9.03
C PHE A 171 -24.17 -18.95 8.42
N VAL A 172 -24.15 -19.67 7.29
CA VAL A 172 -25.38 -20.02 6.55
C VAL A 172 -26.36 -20.84 7.37
N ARG A 173 -25.85 -21.83 8.10
CA ARG A 173 -26.65 -22.63 9.03
C ARG A 173 -27.42 -21.69 9.96
N GLY A 174 -26.77 -20.60 10.36
CA GLY A 174 -27.40 -19.58 11.20
C GLY A 174 -28.48 -18.79 10.49
N LEU A 175 -28.24 -18.46 9.22
CA LEU A 175 -29.20 -17.73 8.40
C LEU A 175 -30.45 -18.55 8.10
N LEU A 176 -30.27 -19.86 7.90
CA LEU A 176 -31.37 -20.75 7.56
C LEU A 176 -32.34 -20.98 8.73
N GLU A 177 -31.84 -20.89 9.96
CA GLU A 177 -32.69 -20.98 11.14
C GLU A 177 -33.26 -19.62 11.55
N ALA A 178 -32.48 -18.55 11.30
CA ALA A 178 -32.92 -17.19 11.58
C ALA A 178 -33.93 -16.70 10.55
N GLY A 179 -33.76 -17.16 9.31
CA GLY A 179 -34.65 -16.77 8.21
C GLY A 179 -35.64 -17.86 7.83
N LYS A 180 -35.74 -18.88 8.67
CA LYS A 180 -36.65 -20.01 8.43
C LYS A 180 -38.05 -19.52 8.04
N SER A 181 -38.56 -18.57 8.83
CA SER A 181 -39.89 -17.99 8.64
C SER A 181 -40.10 -17.38 7.24
N ASP A 182 -39.16 -16.55 6.81
CA ASP A 182 -39.24 -15.86 5.52
C ASP A 182 -39.04 -16.76 4.31
N LEU A 183 -38.11 -17.69 4.42
CA LEU A 183 -37.79 -18.60 3.31
C LEU A 183 -38.89 -19.63 3.08
N GLU A 184 -39.76 -19.82 4.08
CA GLU A 184 -40.86 -20.78 4.00
C GLU A 184 -42.23 -20.12 3.78
N LYS A 185 -42.24 -18.82 3.51
CA LYS A 185 -43.47 -18.06 3.32
C LYS A 185 -44.20 -18.47 2.05
N GLN A 186 -45.52 -18.27 2.04
CA GLN A 186 -46.36 -18.62 0.90
C GLN A 186 -47.18 -17.44 0.39
N GLU A 187 -46.95 -17.05 -0.86
CA GLU A 187 -47.71 -15.98 -1.49
C GLU A 187 -48.51 -16.51 -2.69
N LYS A 188 -49.78 -16.11 -2.77
CA LYS A 188 -50.70 -16.61 -3.79
C LYS A 188 -50.60 -15.85 -5.12
N PRO A 189 -50.42 -16.59 -6.24
CA PRO A 189 -50.36 -15.95 -7.55
C PRO A 189 -51.73 -15.53 -8.07
N VAL A 190 -51.77 -14.44 -8.82
CA VAL A 190 -52.97 -13.98 -9.52
C VAL A 190 -52.73 -14.11 -11.02
N ALA A 191 -53.77 -14.43 -11.78
CA ALA A 191 -53.61 -14.57 -13.23
C ALA A 191 -54.65 -13.82 -14.07
N TRP A 192 -54.22 -13.35 -15.24
CA TRP A 192 -55.10 -12.75 -16.24
C TRP A 192 -54.72 -13.24 -17.64
N LEU A 193 -55.54 -12.92 -18.64
CA LEU A 193 -55.29 -13.37 -20.00
C LEU A 193 -55.16 -12.21 -20.98
N SER A 194 -54.51 -12.47 -22.12
CA SER A 194 -54.45 -11.54 -23.25
C SER A 194 -54.00 -12.24 -24.52
N SER A 195 -53.99 -11.52 -25.63
CA SER A 195 -53.49 -12.05 -26.89
C SER A 195 -52.73 -11.01 -27.71
N VAL A 196 -52.07 -11.49 -28.75
CA VAL A 196 -51.12 -10.71 -29.52
C VAL A 196 -50.97 -11.36 -30.90
N PRO A 197 -50.62 -10.57 -31.93
CA PRO A 197 -50.38 -11.21 -33.23
C PRO A 197 -49.12 -12.07 -33.22
N SER A 198 -49.24 -13.29 -33.73
CA SER A 198 -48.09 -14.16 -33.91
C SER A 198 -47.18 -13.65 -35.02
N SER A 199 -45.92 -14.09 -35.00
CA SER A 199 -44.99 -13.86 -36.10
C SER A 199 -45.53 -14.43 -37.42
N ALA A 200 -46.33 -15.49 -37.33
CA ALA A 200 -46.92 -16.16 -38.50
C ALA A 200 -48.26 -15.55 -38.91
N HIS A 201 -48.50 -15.53 -40.22
CA HIS A 201 -49.72 -14.97 -40.80
C HIS A 201 -50.96 -15.79 -40.42
N GLY A 202 -51.93 -15.10 -39.83
CA GLY A 202 -53.22 -15.71 -39.48
C GLY A 202 -53.21 -16.49 -38.18
N HIS A 203 -52.15 -16.30 -37.39
CA HIS A 203 -52.00 -16.93 -36.08
C HIS A 203 -52.07 -15.90 -34.96
N ARG A 204 -52.54 -16.33 -33.80
CA ARG A 204 -52.53 -15.49 -32.59
C ARG A 204 -51.70 -16.16 -31.52
N GLN A 205 -50.97 -15.35 -30.75
CA GLN A 205 -50.28 -15.83 -29.58
C GLN A 205 -51.07 -15.40 -28.33
N LEU A 206 -51.56 -16.39 -27.57
CA LEU A 206 -52.28 -16.13 -26.33
C LEU A 206 -51.29 -16.04 -25.19
N VAL A 207 -51.58 -15.18 -24.21
CA VAL A 207 -50.67 -14.97 -23.10
C VAL A 207 -51.39 -15.20 -21.78
N CYS A 208 -50.79 -16.03 -20.93
CA CYS A 208 -51.31 -16.27 -19.61
C CYS A 208 -50.38 -15.70 -18.55
N HIS A 209 -50.73 -14.53 -18.04
CA HIS A 209 -49.89 -13.81 -17.09
C HIS A 209 -50.12 -14.35 -15.69
N VAL A 210 -49.06 -14.86 -15.06
CA VAL A 210 -49.09 -15.27 -13.66
C VAL A 210 -48.12 -14.39 -12.89
N SER A 211 -48.62 -13.68 -11.90
CA SER A 211 -47.79 -12.72 -11.17
C SER A 211 -48.11 -12.68 -9.66
N GLY A 212 -47.07 -12.41 -8.87
CA GLY A 212 -47.22 -12.17 -7.44
C GLY A 212 -47.14 -13.40 -6.56
N PHE A 213 -46.40 -14.42 -7.02
CA PHE A 213 -46.32 -15.67 -6.28
C PHE A 213 -44.96 -15.91 -5.67
N TYR A 214 -44.98 -16.59 -4.52
CA TYR A 214 -43.78 -17.04 -3.84
C TYR A 214 -44.13 -18.35 -3.13
N PRO A 215 -43.22 -19.35 -3.17
CA PRO A 215 -41.87 -19.37 -3.75
C PRO A 215 -41.85 -19.49 -5.28
N LYS A 216 -40.64 -19.63 -5.84
CA LYS A 216 -40.40 -19.60 -7.28
C LYS A 216 -41.07 -20.73 -8.08
N PRO A 217 -40.88 -22.02 -7.69
CA PRO A 217 -41.40 -23.13 -8.52
C PRO A 217 -42.92 -23.03 -8.75
N VAL A 218 -43.34 -23.31 -9.99
CA VAL A 218 -44.72 -23.09 -10.42
C VAL A 218 -45.00 -23.82 -11.74
N TRP A 219 -46.21 -24.36 -11.88
CA TRP A 219 -46.65 -25.09 -13.06
C TRP A 219 -47.74 -24.28 -13.77
N VAL A 220 -47.57 -24.08 -15.08
CA VAL A 220 -48.54 -23.31 -15.87
C VAL A 220 -48.73 -23.94 -17.26
N MET A 221 -49.98 -24.21 -17.64
CA MET A 221 -50.27 -24.89 -18.91
C MET A 221 -51.58 -24.49 -19.59
N TRP A 222 -51.51 -24.30 -20.91
CA TRP A 222 -52.70 -24.19 -21.76
C TRP A 222 -53.19 -25.60 -22.08
N MET A 223 -54.51 -25.78 -22.04
CA MET A 223 -55.12 -27.12 -22.10
C MET A 223 -56.50 -27.14 -22.75
N ARG A 224 -56.86 -28.29 -23.32
CA ARG A 224 -58.24 -28.56 -23.69
C ARG A 224 -58.78 -29.63 -22.77
N GLY A 225 -59.40 -29.20 -21.68
CA GLY A 225 -59.96 -30.11 -20.68
C GLY A 225 -58.89 -30.94 -19.99
N ASP A 226 -58.68 -32.16 -20.48
CA ASP A 226 -57.70 -33.05 -19.88
C ASP A 226 -56.37 -33.05 -20.59
N GLN A 227 -56.36 -32.56 -21.84
CA GLN A 227 -55.15 -32.58 -22.68
C GLN A 227 -54.36 -31.28 -22.58
N GLU A 228 -53.14 -31.37 -22.06
CA GLU A 228 -52.21 -30.23 -22.03
C GLU A 228 -51.71 -29.93 -23.44
N GLN A 229 -51.94 -28.71 -23.91
CA GLN A 229 -51.43 -28.26 -25.20
C GLN A 229 -49.91 -28.25 -25.15
N GLN A 230 -49.29 -29.01 -26.03
CA GLN A 230 -47.83 -29.19 -26.01
C GLN A 230 -47.08 -27.96 -26.51
N GLY A 231 -47.78 -27.10 -27.25
CA GLY A 231 -47.17 -25.91 -27.82
C GLY A 231 -46.91 -24.81 -26.81
N THR A 232 -47.39 -25.03 -25.57
CA THR A 232 -47.25 -24.07 -24.49
C THR A 232 -45.80 -23.75 -24.22
N HIS A 233 -45.44 -22.47 -24.31
CA HIS A 233 -44.09 -22.03 -24.00
C HIS A 233 -43.96 -21.27 -22.69
N ARG A 234 -43.08 -21.77 -21.84
CA ARG A 234 -42.72 -21.09 -20.61
C ARG A 234 -41.80 -19.90 -20.90
N GLY A 235 -42.10 -18.77 -20.27
CA GLY A 235 -41.23 -17.58 -20.32
C GLY A 235 -40.20 -17.68 -19.22
N ASP A 236 -39.32 -16.69 -19.13
CA ASP A 236 -38.40 -16.60 -18.00
C ASP A 236 -39.15 -16.17 -16.73
N PHE A 237 -38.54 -16.37 -15.57
CA PHE A 237 -39.08 -15.86 -14.31
C PHE A 237 -38.65 -14.41 -14.16
N LEU A 238 -39.62 -13.51 -14.04
CA LEU A 238 -39.31 -12.09 -13.91
C LEU A 238 -39.62 -11.59 -12.50
N PRO A 239 -38.69 -10.81 -11.90
CA PRO A 239 -38.79 -10.34 -10.51
C PRO A 239 -39.91 -9.33 -10.25
N ASN A 240 -40.32 -9.26 -8.98
CA ASN A 240 -41.21 -8.20 -8.50
C ASN A 240 -40.61 -7.56 -7.26
N ALA A 241 -40.75 -6.24 -7.14
CA ALA A 241 -40.16 -5.48 -6.04
C ALA A 241 -40.37 -6.10 -4.65
N ASP A 242 -41.57 -6.63 -4.42
CA ASP A 242 -41.91 -7.28 -3.15
C ASP A 242 -41.39 -8.71 -3.07
N GLU A 243 -40.37 -9.00 -3.87
CA GLU A 243 -39.65 -10.29 -3.89
C GLU A 243 -40.48 -11.46 -4.42
N THR A 244 -41.59 -11.14 -5.08
CA THR A 244 -42.44 -12.16 -5.70
C THR A 244 -42.01 -12.44 -7.15
N TRP A 245 -42.85 -13.12 -7.91
CA TRP A 245 -42.44 -13.53 -9.25
C TRP A 245 -43.51 -13.32 -10.32
N TYR A 246 -43.05 -13.00 -11.53
CA TYR A 246 -43.91 -12.89 -12.68
C TYR A 246 -43.45 -13.90 -13.72
N LEU A 247 -44.41 -14.64 -14.25
CA LEU A 247 -44.15 -15.65 -15.27
C LEU A 247 -45.32 -15.72 -16.23
N GLN A 248 -45.02 -15.75 -17.52
CA GLN A 248 -46.07 -15.92 -18.50
C GLN A 248 -45.89 -17.19 -19.30
N ALA A 249 -47.00 -17.87 -19.55
CA ALA A 249 -47.02 -19.00 -20.45
C ALA A 249 -47.84 -18.61 -21.66
N THR A 250 -47.25 -18.79 -22.85
CA THR A 250 -47.91 -18.41 -24.08
C THR A 250 -48.45 -19.63 -24.83
N LEU A 251 -49.43 -19.40 -25.70
CA LEU A 251 -49.85 -20.41 -26.67
C LEU A 251 -50.13 -19.80 -28.05
N ASP A 252 -49.46 -20.35 -29.07
CA ASP A 252 -49.72 -19.97 -30.46
C ASP A 252 -50.90 -20.78 -30.99
N VAL A 253 -51.87 -20.09 -31.58
CA VAL A 253 -53.08 -20.72 -32.12
C VAL A 253 -53.56 -20.02 -33.39
N GLU A 254 -54.21 -20.77 -34.28
CA GLU A 254 -54.84 -20.18 -35.45
C GLU A 254 -56.13 -19.52 -35.01
N ALA A 255 -56.23 -18.21 -35.23
CA ALA A 255 -57.42 -17.44 -34.89
C ALA A 255 -58.67 -18.28 -35.17
N GLY A 256 -59.28 -18.78 -34.09
CA GLY A 256 -60.43 -19.69 -34.17
C GLY A 256 -60.37 -20.83 -33.18
N GLU A 257 -59.15 -21.27 -32.86
CA GLU A 257 -58.95 -22.34 -31.87
C GLU A 257 -59.00 -21.77 -30.45
N GLU A 258 -59.22 -20.46 -30.36
CA GLU A 258 -59.08 -19.71 -29.11
C GLU A 258 -60.06 -20.13 -28.02
N ALA A 259 -61.31 -20.36 -28.39
CA ALA A 259 -62.34 -20.79 -27.43
C ALA A 259 -62.18 -22.28 -27.05
N GLY A 260 -62.57 -22.60 -25.83
CA GLY A 260 -62.46 -23.97 -25.31
C GLY A 260 -61.12 -24.23 -24.66
N LEU A 261 -60.17 -23.33 -24.88
CA LEU A 261 -58.87 -23.39 -24.23
C LEU A 261 -58.96 -22.85 -22.81
N ALA A 262 -57.95 -23.16 -22.01
CA ALA A 262 -57.87 -22.71 -20.64
C ALA A 262 -56.43 -22.61 -20.16
N CYS A 263 -56.17 -21.67 -19.24
CA CYS A 263 -54.88 -21.58 -18.59
C CYS A 263 -54.93 -22.17 -17.19
N ARG A 264 -54.13 -23.21 -16.95
CA ARG A 264 -54.15 -23.96 -15.70
C ARG A 264 -52.87 -23.68 -14.91
N VAL A 265 -53.04 -23.11 -13.72
CA VAL A 265 -51.90 -22.72 -12.89
C VAL A 265 -51.85 -23.52 -11.59
N LYS A 266 -50.76 -24.26 -11.39
CA LYS A 266 -50.55 -24.98 -10.14
C LYS A 266 -49.42 -24.36 -9.31
N HIS A 267 -49.71 -24.12 -8.03
CA HIS A 267 -48.75 -23.56 -7.09
C HIS A 267 -48.99 -24.05 -5.67
N SER A 268 -47.91 -24.14 -4.89
CA SER A 268 -47.95 -24.59 -3.51
C SER A 268 -48.94 -23.83 -2.63
N SER A 269 -48.99 -22.50 -2.79
CA SER A 269 -49.80 -21.63 -1.93
C SER A 269 -51.30 -21.78 -2.15
N LEU A 270 -51.68 -22.54 -3.17
CA LEU A 270 -53.08 -22.81 -3.48
C LEU A 270 -53.58 -24.07 -2.77
N GLY A 271 -52.69 -25.05 -2.63
CA GLY A 271 -52.97 -26.28 -1.89
C GLY A 271 -54.00 -27.18 -2.54
N GLY A 272 -54.00 -27.23 -3.88
CA GLY A 272 -54.93 -28.06 -4.62
C GLY A 272 -55.89 -27.27 -5.50
N GLN A 273 -56.38 -26.14 -4.99
CA GLN A 273 -57.34 -25.30 -5.70
C GLN A 273 -56.68 -24.50 -6.83
N ASP A 274 -56.45 -25.17 -7.96
CA ASP A 274 -55.73 -24.58 -9.09
C ASP A 274 -56.50 -23.46 -9.79
N ILE A 275 -55.78 -22.45 -10.24
CA ILE A 275 -56.38 -21.36 -11.01
C ILE A 275 -56.64 -21.84 -12.45
N ILE A 276 -57.89 -21.71 -12.87
CA ILE A 276 -58.28 -22.10 -14.23
C ILE A 276 -58.98 -20.91 -14.93
N LEU A 277 -58.25 -20.24 -15.81
CA LEU A 277 -58.82 -19.17 -16.62
C LEU A 277 -59.27 -19.73 -17.95
N TYR A 278 -60.56 -19.54 -18.23
CA TYR A 278 -61.15 -19.99 -19.49
C TYR A 278 -61.23 -18.84 -20.50
N TRP A 279 -60.61 -19.06 -21.65
CA TRP A 279 -60.67 -18.09 -22.75
C TRP A 279 -62.11 -17.92 -23.23
N GLY A 280 -62.70 -16.76 -22.90
CA GLY A 280 -64.04 -16.41 -23.35
C GLY A 280 -65.09 -16.41 -22.25
N SER A 281 -64.66 -16.65 -21.02
CA SER A 281 -65.56 -16.60 -19.87
C SER A 281 -66.00 -15.17 -19.55
N LEU A 282 -67.19 -15.05 -18.95
CA LEU A 282 -67.70 -13.75 -18.49
C LEU A 282 -66.67 -12.98 -17.65
N HIS A 283 -65.77 -13.72 -17.02
CA HIS A 283 -64.65 -13.13 -16.26
C HIS A 283 -63.52 -12.62 -17.16
N HIS A 284 -63.15 -13.40 -18.18
CA HIS A 284 -62.13 -12.99 -19.16
C HIS A 284 -62.57 -11.78 -19.95
N ILE A 285 -63.86 -11.77 -20.31
CA ILE A 285 -64.48 -10.64 -21.01
C ILE A 285 -64.46 -9.36 -20.16
N LEU A 286 -64.88 -9.47 -18.90
CA LEU A 286 -64.89 -8.31 -17.98
C LEU A 286 -63.50 -7.74 -17.73
N ASP A 287 -62.50 -8.62 -17.66
CA ASP A 287 -61.12 -8.20 -17.47
C ASP A 287 -60.57 -7.44 -18.69
N ALA A 288 -60.84 -7.98 -19.88
CA ALA A 288 -60.31 -7.44 -21.14
C ALA A 288 -60.79 -6.01 -21.45
N GLN A 289 -62.05 -5.70 -21.15
CA GLN A 289 -62.58 -4.36 -21.35
C GLN A 289 -62.05 -3.37 -20.30
N LYS A 290 -61.54 -3.89 -19.19
CA LYS A 290 -60.87 -3.08 -18.18
C LYS A 290 -59.43 -2.72 -18.58
N MET A 291 -58.93 -3.39 -19.61
CA MET A 291 -57.59 -3.11 -20.14
C MET A 291 -57.62 -2.90 -21.66
N VAL A 292 -58.18 -1.76 -22.06
CA VAL A 292 -58.14 -1.36 -23.47
C VAL A 292 -57.31 -0.10 -23.62
N TRP A 293 -56.76 0.11 -24.82
CA TRP A 293 -55.80 1.19 -25.05
C TRP A 293 -55.57 1.47 -26.53
N ASN A 294 -55.00 2.64 -26.83
CA ASN A 294 -54.76 3.08 -28.21
C ASN A 294 -53.84 2.19 -29.06
N HIS A 295 -53.21 1.22 -28.41
CA HIS A 295 -52.33 0.22 -29.06
C HIS A 295 -51.08 0.80 -29.74
N ARG A 296 -50.54 1.87 -29.17
CA ARG A 296 -49.23 2.39 -29.57
C ARG A 296 -48.40 2.75 -28.33
N HIS A 297 -47.09 2.47 -28.35
CA HIS A 297 -46.40 1.84 -29.45
C HIS A 297 -46.21 0.35 -29.14
N HIS A 298 -47.14 -0.47 -29.61
CA HIS A 298 -47.08 -1.92 -29.42
C HIS A 298 -45.82 -2.53 -30.06
N HIS A 299 -45.41 -3.70 -29.57
CA HIS A 299 -44.24 -4.41 -30.10
C HIS A 299 -44.52 -4.95 -31.51
N HIS A 300 -43.86 -4.37 -32.51
CA HIS A 300 -44.08 -4.73 -33.91
C HIS A 300 -43.14 -5.85 -34.36
N ILE B 1 -17.46 -10.18 -25.25
CA ILE B 1 -16.82 -8.89 -25.68
C ILE B 1 -17.52 -7.70 -25.04
N GLN B 2 -18.74 -7.41 -25.52
CA GLN B 2 -19.56 -6.33 -24.99
C GLN B 2 -21.03 -6.64 -25.24
N LYS B 3 -21.74 -7.01 -24.18
CA LYS B 3 -23.10 -7.54 -24.29
C LYS B 3 -24.17 -6.46 -24.29
N THR B 4 -25.23 -6.69 -25.07
CA THR B 4 -26.32 -5.71 -25.25
C THR B 4 -27.50 -5.98 -24.29
N PRO B 5 -27.98 -4.93 -23.60
CA PRO B 5 -29.05 -5.04 -22.61
C PRO B 5 -30.43 -5.39 -23.19
N GLN B 6 -31.08 -6.40 -22.61
CA GLN B 6 -32.45 -6.75 -22.97
C GLN B 6 -33.44 -6.17 -21.96
N ILE B 7 -34.45 -5.47 -22.47
CA ILE B 7 -35.36 -4.69 -21.64
C ILE B 7 -36.76 -5.29 -21.66
N GLN B 8 -37.27 -5.62 -20.48
CA GLN B 8 -38.61 -6.22 -20.33
C GLN B 8 -39.49 -5.37 -19.40
N VAL B 9 -40.52 -4.76 -19.97
CA VAL B 9 -41.46 -3.93 -19.21
C VAL B 9 -42.77 -4.67 -19.01
N TYR B 10 -43.18 -4.78 -17.74
CA TYR B 10 -44.38 -5.52 -17.34
C TYR B 10 -44.92 -4.94 -16.02
N SER B 11 -46.12 -5.36 -15.63
CA SER B 11 -46.82 -4.77 -14.49
C SER B 11 -47.04 -5.74 -13.33
N ARG B 12 -47.02 -5.20 -12.11
CA ARG B 12 -47.12 -5.98 -10.88
C ARG B 12 -48.48 -6.64 -10.70
N HIS B 13 -49.52 -5.96 -11.17
CA HIS B 13 -50.89 -6.48 -11.07
C HIS B 13 -51.58 -6.36 -12.41
N PRO B 14 -52.68 -7.12 -12.61
CA PRO B 14 -53.45 -7.04 -13.86
C PRO B 14 -53.73 -5.58 -14.26
N PRO B 15 -53.37 -5.21 -15.50
CA PRO B 15 -53.59 -3.85 -15.99
C PRO B 15 -55.07 -3.52 -16.02
N GLU B 16 -55.53 -2.70 -15.09
CA GLU B 16 -56.93 -2.31 -15.04
C GLU B 16 -57.01 -0.79 -15.03
N ASN B 17 -57.48 -0.23 -16.15
CA ASN B 17 -57.49 1.21 -16.38
C ASN B 17 -58.02 2.01 -15.19
N GLY B 18 -57.23 2.99 -14.75
CA GLY B 18 -57.61 3.87 -13.65
C GLY B 18 -57.49 3.23 -12.28
N LYS B 19 -56.54 2.31 -12.14
CA LYS B 19 -56.26 1.68 -10.85
C LYS B 19 -54.75 1.65 -10.57
N PRO B 20 -54.32 2.35 -9.49
CA PRO B 20 -52.92 2.43 -9.07
C PRO B 20 -52.21 1.08 -9.10
N ASN B 21 -51.01 1.05 -9.66
CA ASN B 21 -50.29 -0.18 -9.97
C ASN B 21 -48.78 0.09 -9.96
N ILE B 22 -47.98 -0.96 -10.18
CA ILE B 22 -46.53 -0.83 -10.24
C ILE B 22 -46.01 -1.34 -11.59
N LEU B 23 -45.23 -0.52 -12.28
CA LEU B 23 -44.64 -0.91 -13.56
C LEU B 23 -43.19 -1.31 -13.39
N ASN B 24 -42.88 -2.54 -13.76
CA ASN B 24 -41.53 -3.08 -13.67
C ASN B 24 -40.76 -2.93 -14.98
N CYS B 25 -39.53 -2.43 -14.88
CA CYS B 25 -38.59 -2.44 -15.99
C CYS B 25 -37.36 -3.28 -15.61
N TYR B 26 -37.24 -4.43 -16.26
CA TYR B 26 -36.23 -5.42 -15.92
C TYR B 26 -35.22 -5.55 -17.05
N VAL B 27 -34.00 -5.06 -16.81
CA VAL B 27 -32.94 -5.08 -17.80
C VAL B 27 -31.95 -6.20 -17.48
N THR B 28 -31.60 -6.99 -18.49
CA THR B 28 -30.71 -8.14 -18.31
C THR B 28 -29.63 -8.21 -19.38
N GLN B 29 -28.76 -9.21 -19.27
CA GLN B 29 -27.82 -9.61 -20.32
C GLN B 29 -26.91 -8.50 -20.84
N PHE B 30 -26.44 -7.64 -19.94
CA PHE B 30 -25.58 -6.52 -20.33
C PHE B 30 -24.23 -6.52 -19.62
N HIS B 31 -23.23 -5.99 -20.31
CA HIS B 31 -21.85 -5.92 -19.84
C HIS B 31 -21.15 -4.83 -20.65
N PRO B 32 -20.43 -3.91 -19.99
CA PRO B 32 -20.16 -3.65 -18.58
C PRO B 32 -21.37 -3.22 -17.75
N PRO B 33 -21.21 -3.08 -16.43
CA PRO B 33 -22.34 -2.80 -15.54
C PRO B 33 -22.84 -1.35 -15.57
N HIS B 34 -22.03 -0.43 -16.07
CA HIS B 34 -22.47 0.98 -16.13
C HIS B 34 -23.62 1.15 -17.11
N ILE B 35 -24.76 1.60 -16.58
CA ILE B 35 -25.97 1.75 -17.37
C ILE B 35 -26.92 2.81 -16.79
N GLU B 36 -27.38 3.72 -17.64
CA GLU B 36 -28.42 4.68 -17.28
C GLU B 36 -29.76 4.09 -17.68
N ILE B 37 -30.68 4.02 -16.74
CA ILE B 37 -32.02 3.46 -16.99
C ILE B 37 -33.10 4.45 -16.59
N GLN B 38 -33.97 4.78 -17.54
CA GLN B 38 -35.04 5.75 -17.32
C GLN B 38 -36.43 5.17 -17.64
N MET B 39 -37.41 5.56 -16.82
CA MET B 39 -38.80 5.25 -17.10
C MET B 39 -39.56 6.56 -17.32
N LEU B 40 -40.51 6.53 -18.25
CA LEU B 40 -41.15 7.74 -18.74
C LEU B 40 -42.68 7.63 -18.76
N LYS B 41 -43.35 8.76 -18.50
CA LYS B 41 -44.76 8.90 -18.78
C LYS B 41 -44.92 9.94 -19.87
N ASN B 42 -45.35 9.48 -21.05
CA ASN B 42 -45.54 10.33 -22.24
C ASN B 42 -44.28 11.06 -22.71
N GLY B 43 -43.12 10.42 -22.54
CA GLY B 43 -41.86 11.00 -22.95
C GLY B 43 -41.10 11.68 -21.83
N LYS B 44 -41.85 12.32 -20.94
CA LYS B 44 -41.28 12.98 -19.75
C LYS B 44 -40.96 11.92 -18.68
N LYS B 45 -39.77 12.01 -18.10
CA LYS B 45 -39.32 11.01 -17.12
C LYS B 45 -40.06 11.07 -15.79
N ILE B 46 -40.20 9.92 -15.14
CA ILE B 46 -40.86 9.84 -13.84
C ILE B 46 -39.82 10.03 -12.72
N PRO B 47 -40.04 11.02 -11.85
CA PRO B 47 -39.09 11.36 -10.79
C PRO B 47 -39.02 10.31 -9.67
N LYS B 48 -40.15 9.71 -9.35
CA LYS B 48 -40.21 8.67 -8.32
C LYS B 48 -40.04 7.27 -8.90
N VAL B 49 -38.81 6.91 -9.25
CA VAL B 49 -38.48 5.58 -9.75
C VAL B 49 -37.45 4.93 -8.84
N GLU B 50 -37.87 3.85 -8.17
CA GLU B 50 -36.99 3.10 -7.29
C GLU B 50 -36.19 2.07 -8.10
N MET B 51 -35.08 1.60 -7.52
CA MET B 51 -34.19 0.68 -8.22
C MET B 51 -33.52 -0.32 -7.29
N SER B 52 -33.46 -1.57 -7.74
CA SER B 52 -32.80 -2.64 -6.99
C SER B 52 -31.29 -2.54 -7.14
N ASP B 53 -30.57 -3.22 -6.25
CA ASP B 53 -29.13 -3.32 -6.36
C ASP B 53 -28.80 -4.25 -7.52
N MET B 54 -27.71 -3.94 -8.23
CA MET B 54 -27.31 -4.68 -9.41
C MET B 54 -26.69 -6.03 -9.03
N SER B 55 -26.88 -7.01 -9.89
CA SER B 55 -26.31 -8.34 -9.68
C SER B 55 -25.93 -8.95 -11.03
N PHE B 56 -25.30 -10.12 -11.01
CA PHE B 56 -25.03 -10.86 -12.23
C PHE B 56 -25.48 -12.30 -12.12
N SER B 57 -25.67 -12.94 -13.27
CA SER B 57 -26.15 -14.31 -13.32
C SER B 57 -25.02 -15.28 -13.65
N LYS B 58 -25.36 -16.56 -13.80
CA LYS B 58 -24.40 -17.63 -14.07
C LYS B 58 -23.53 -17.42 -15.31
N ASP B 59 -24.03 -16.67 -16.29
CA ASP B 59 -23.27 -16.40 -17.51
C ASP B 59 -22.41 -15.14 -17.39
N TRP B 60 -22.40 -14.57 -16.19
CA TRP B 60 -21.65 -13.36 -15.83
C TRP B 60 -22.27 -12.05 -16.34
N SER B 61 -23.42 -12.15 -17.00
CA SER B 61 -24.12 -10.96 -17.49
C SER B 61 -24.83 -10.26 -16.34
N PHE B 62 -24.91 -8.93 -16.41
CA PHE B 62 -25.54 -8.18 -15.33
C PHE B 62 -27.05 -8.11 -15.48
N TYR B 63 -27.73 -7.71 -14.40
CA TYR B 63 -29.18 -7.51 -14.40
C TYR B 63 -29.59 -6.60 -13.25
N ILE B 64 -30.64 -5.80 -13.47
CA ILE B 64 -31.13 -4.85 -12.47
C ILE B 64 -32.62 -4.56 -12.70
N LEU B 65 -33.38 -4.46 -11.61
CA LEU B 65 -34.82 -4.23 -11.69
C LEU B 65 -35.24 -2.82 -11.29
N ALA B 66 -35.69 -2.06 -12.28
CA ALA B 66 -36.26 -0.72 -12.07
C ALA B 66 -37.77 -0.84 -11.97
N HIS B 67 -38.38 -0.12 -11.03
CA HIS B 67 -39.83 -0.13 -10.87
C HIS B 67 -40.38 1.19 -10.35
N THR B 68 -41.61 1.51 -10.76
CA THR B 68 -42.30 2.72 -10.29
C THR B 68 -43.80 2.53 -10.15
N GLU B 69 -44.40 3.31 -9.24
CA GLU B 69 -45.84 3.33 -9.07
C GLU B 69 -46.46 4.12 -10.23
N PHE B 70 -47.55 3.58 -10.80
CA PHE B 70 -48.20 4.21 -11.95
C PHE B 70 -49.69 3.87 -12.01
N THR B 71 -50.42 4.66 -12.78
CA THR B 71 -51.83 4.40 -13.06
C THR B 71 -52.01 4.26 -14.57
N PRO B 72 -52.39 3.05 -15.04
CA PRO B 72 -52.55 2.83 -16.47
C PRO B 72 -53.88 3.38 -17.00
N THR B 73 -53.83 3.96 -18.20
CA THR B 73 -55.01 4.46 -18.89
C THR B 73 -55.02 3.97 -20.34
N GLU B 74 -56.05 4.37 -21.09
CA GLU B 74 -56.20 3.98 -22.48
C GLU B 74 -55.23 4.72 -23.40
N THR B 75 -54.72 5.86 -22.95
CA THR B 75 -53.92 6.74 -23.80
C THR B 75 -52.52 7.05 -23.27
N ASP B 76 -52.38 7.25 -21.95
CA ASP B 76 -51.07 7.51 -21.34
C ASP B 76 -50.10 6.38 -21.68
N THR B 77 -48.97 6.73 -22.28
CA THR B 77 -48.00 5.72 -22.71
C THR B 77 -46.84 5.63 -21.74
N TYR B 78 -46.36 4.42 -21.52
CA TYR B 78 -45.26 4.18 -20.61
C TYR B 78 -44.10 3.49 -21.32
N ALA B 79 -42.88 3.95 -21.04
CA ALA B 79 -41.69 3.45 -21.71
C ALA B 79 -40.53 3.24 -20.74
N CYS B 80 -39.53 2.50 -21.20
CA CYS B 80 -38.28 2.34 -20.47
C CYS B 80 -37.09 2.59 -21.38
N ARG B 81 -36.33 3.64 -21.07
CA ARG B 81 -35.21 4.07 -21.89
C ARG B 81 -33.89 3.68 -21.23
N VAL B 82 -33.02 3.02 -22.00
CA VAL B 82 -31.76 2.49 -21.46
C VAL B 82 -30.56 2.98 -22.24
N LYS B 83 -29.59 3.56 -21.54
CA LYS B 83 -28.34 4.02 -22.14
C LYS B 83 -27.18 3.10 -21.73
N HIS B 84 -26.51 2.53 -22.72
CA HIS B 84 -25.43 1.58 -22.46
C HIS B 84 -24.36 1.71 -23.54
N ALA B 85 -23.12 1.43 -23.17
CA ALA B 85 -21.97 1.61 -24.06
C ALA B 85 -21.94 0.64 -25.25
N SER B 86 -22.77 -0.40 -25.21
CA SER B 86 -22.89 -1.34 -26.31
C SER B 86 -23.83 -0.84 -27.40
N MET B 87 -24.55 0.24 -27.10
CA MET B 87 -25.48 0.88 -28.04
C MET B 87 -25.01 2.28 -28.44
N ALA B 88 -25.25 2.63 -29.70
CA ALA B 88 -24.95 3.96 -30.21
C ALA B 88 -25.95 4.98 -29.66
N GLU B 89 -27.24 4.73 -29.90
CA GLU B 89 -28.32 5.54 -29.35
C GLU B 89 -29.00 4.77 -28.22
N PRO B 90 -29.66 5.48 -27.28
CA PRO B 90 -30.37 4.79 -26.20
C PRO B 90 -31.56 4.00 -26.73
N LYS B 91 -31.81 2.83 -26.13
CA LYS B 91 -32.94 1.99 -26.52
C LYS B 91 -34.16 2.27 -25.65
N THR B 92 -35.27 2.60 -26.30
CA THR B 92 -36.54 2.82 -25.63
C THR B 92 -37.49 1.66 -25.92
N VAL B 93 -37.94 1.00 -24.84
CA VAL B 93 -38.97 -0.03 -24.94
C VAL B 93 -40.27 0.41 -24.26
N TYR B 94 -41.31 0.60 -25.06
CA TYR B 94 -42.63 0.98 -24.56
C TYR B 94 -43.34 -0.21 -23.96
N TRP B 95 -44.18 0.05 -22.95
CA TRP B 95 -44.96 -1.00 -22.30
C TRP B 95 -46.11 -1.48 -23.18
N ASP B 96 -46.24 -2.79 -23.28
CA ASP B 96 -47.32 -3.44 -24.02
C ASP B 96 -48.01 -4.43 -23.09
N ARG B 97 -49.19 -4.05 -22.60
CA ARG B 97 -49.91 -4.83 -21.59
C ARG B 97 -50.42 -6.15 -22.13
N ASP B 98 -50.64 -6.21 -23.44
CA ASP B 98 -51.07 -7.44 -24.10
C ASP B 98 -49.95 -8.48 -24.18
N MET B 99 -48.71 -8.01 -24.27
CA MET B 99 -47.55 -8.89 -24.23
C MET B 99 -47.23 -9.25 -22.79
N THR C 1 2.16 11.14 10.61
CA THR C 1 2.86 9.96 10.02
C THR C 1 2.27 8.66 10.54
N GLN C 2 2.50 7.58 9.79
CA GLN C 2 1.90 6.29 10.09
C GLN C 2 2.75 5.39 11.00
N VAL C 3 4.06 5.63 11.02
CA VAL C 3 4.97 4.86 11.89
C VAL C 3 5.73 5.83 12.80
N GLU C 4 5.44 5.78 14.10
CA GLU C 4 6.06 6.69 15.06
C GLU C 4 6.97 5.97 16.04
N GLN C 5 8.16 6.53 16.25
CA GLN C 5 9.15 5.93 17.13
C GLN C 5 9.52 6.85 18.29
N SER C 6 9.85 6.22 19.42
CA SER C 6 10.26 6.93 20.62
C SER C 6 11.43 6.20 21.28
N PRO C 7 12.39 6.95 21.84
CA PRO C 7 12.46 8.41 21.82
C PRO C 7 13.22 8.93 20.59
N GLN C 8 13.33 10.25 20.50
CA GLN C 8 14.11 10.91 19.45
C GLN C 8 15.51 10.30 19.46
N SER C 9 16.19 10.46 20.60
CA SER C 9 17.50 9.88 20.83
C SER C 9 17.53 9.19 22.19
N LEU C 10 18.28 8.09 22.27
CA LEU C 10 18.46 7.39 23.54
C LEU C 10 19.94 7.23 23.86
N VAL C 11 20.32 7.66 25.06
CA VAL C 11 21.70 7.56 25.51
C VAL C 11 21.77 6.56 26.67
N VAL C 12 22.50 5.46 26.46
CA VAL C 12 22.67 4.43 27.49
C VAL C 12 24.14 4.15 27.83
N ARG C 13 24.41 3.80 29.09
CA ARG C 13 25.74 3.43 29.54
C ARG C 13 26.12 2.05 28.99
N GLN C 14 27.34 1.92 28.49
CA GLN C 14 27.83 0.66 27.91
C GLN C 14 27.64 -0.51 28.86
N GLY C 15 27.16 -1.64 28.33
CA GLY C 15 26.92 -2.83 29.14
C GLY C 15 25.61 -2.81 29.91
N GLU C 16 24.70 -1.92 29.53
CA GLU C 16 23.35 -1.90 30.11
C GLU C 16 22.28 -2.24 29.05
N ASN C 17 21.03 -2.28 29.48
CA ASN C 17 19.91 -2.63 28.60
C ASN C 17 19.24 -1.41 28.01
N SER C 18 19.15 -1.37 26.69
CA SER C 18 18.45 -0.29 25.99
C SER C 18 17.16 -0.80 25.37
N VAL C 19 16.13 0.04 25.42
CA VAL C 19 14.79 -0.30 24.97
C VAL C 19 14.33 0.73 23.95
N LEU C 20 13.78 0.26 22.84
CA LEU C 20 13.25 1.14 21.79
C LEU C 20 11.81 0.79 21.46
N GLN C 21 10.98 1.80 21.28
CA GLN C 21 9.54 1.61 21.03
C GLN C 21 9.17 1.99 19.61
N CYS C 22 8.10 1.38 19.12
CA CYS C 22 7.54 1.70 17.83
C CYS C 22 6.02 1.61 17.89
N ASN C 23 5.36 2.63 17.37
CA ASN C 23 3.90 2.67 17.31
C ASN C 23 3.46 3.03 15.91
N TYR C 24 2.53 2.25 15.37
CA TYR C 24 2.09 2.45 13.99
C TYR C 24 0.57 2.52 13.88
N SER C 25 0.08 3.02 12.75
CA SER C 25 -1.36 3.07 12.47
C SER C 25 -1.66 2.40 11.13
N VAL C 26 -0.63 1.80 10.54
CA VAL C 26 -0.72 1.18 9.22
C VAL C 26 -1.74 0.04 9.16
N THR C 27 -2.75 0.20 8.31
CA THR C 27 -3.76 -0.83 8.05
C THR C 27 -3.73 -1.22 6.57
N PRO C 28 -3.52 -2.52 6.28
CA PRO C 28 -3.30 -3.56 7.28
C PRO C 28 -1.83 -3.64 7.69
N ASP C 29 -1.53 -4.45 8.70
CA ASP C 29 -0.16 -4.61 9.18
C ASP C 29 0.27 -6.05 9.05
N ASN C 30 0.88 -6.38 7.92
CA ASN C 30 1.32 -7.74 7.64
C ASN C 30 2.45 -8.16 8.55
N HIS C 31 3.56 -7.42 8.49
CA HIS C 31 4.72 -7.69 9.31
C HIS C 31 5.36 -6.40 9.82
N LEU C 32 6.30 -6.56 10.74
CA LEU C 32 7.14 -5.48 11.24
C LEU C 32 8.60 -5.91 11.22
N ARG C 33 9.49 -4.95 10.95
CA ARG C 33 10.92 -5.21 10.84
C ARG C 33 11.74 -4.08 11.46
N TRP C 34 12.75 -4.45 12.24
CA TRP C 34 13.72 -3.47 12.76
C TRP C 34 15.01 -3.51 11.96
N PHE C 35 15.42 -2.35 11.48
CA PHE C 35 16.66 -2.19 10.74
C PHE C 35 17.71 -1.45 11.59
N LYS C 36 18.98 -1.71 11.30
CA LYS C 36 20.09 -0.98 11.94
C LYS C 36 20.87 -0.22 10.90
N GLN C 37 20.97 1.09 11.09
CA GLN C 37 21.72 1.94 10.17
C GLN C 37 22.91 2.60 10.86
N ASP C 38 24.10 2.13 10.53
CA ASP C 38 25.34 2.76 10.97
C ASP C 38 25.47 4.15 10.35
N THR C 39 26.13 5.05 11.07
CA THR C 39 26.30 6.43 10.61
C THR C 39 27.17 6.46 9.37
N GLY C 40 26.53 6.64 8.22
CA GLY C 40 27.22 6.70 6.93
C GLY C 40 27.15 5.42 6.11
N LYS C 41 26.06 4.67 6.26
CA LYS C 41 25.87 3.41 5.54
C LYS C 41 24.37 3.10 5.33
N GLY C 42 24.08 1.88 4.85
CA GLY C 42 22.72 1.46 4.54
C GLY C 42 22.00 0.79 5.69
N LEU C 43 20.73 0.45 5.47
CA LEU C 43 19.91 -0.25 6.46
C LEU C 43 20.17 -1.76 6.41
N VAL C 44 20.33 -2.36 7.59
CA VAL C 44 20.56 -3.80 7.71
C VAL C 44 19.50 -4.41 8.62
N SER C 45 18.83 -5.44 8.12
CA SER C 45 17.74 -6.11 8.84
C SER C 45 18.21 -6.87 10.06
N LEU C 46 17.66 -6.51 11.22
CA LEU C 46 17.96 -7.19 12.49
C LEU C 46 16.99 -8.35 12.77
N THR C 47 15.69 -8.12 12.56
CA THR C 47 14.65 -9.09 12.91
C THR C 47 13.29 -8.79 12.30
N VAL C 48 12.46 -9.83 12.14
CA VAL C 48 11.09 -9.67 11.64
C VAL C 48 10.06 -10.16 12.64
N LEU C 49 8.87 -9.55 12.62
CA LEU C 49 7.77 -10.01 13.46
C LEU C 49 6.52 -10.17 12.59
N VAL C 50 6.00 -11.40 12.51
CA VAL C 50 4.95 -11.75 11.55
C VAL C 50 3.58 -11.97 12.22
N ASP C 51 3.58 -12.70 13.33
CA ASP C 51 2.34 -13.11 14.01
C ASP C 51 1.61 -11.96 14.71
N GLN C 52 0.31 -12.17 14.98
CA GLN C 52 -0.55 -11.23 15.70
C GLN C 52 0.06 -10.80 17.03
N LYS C 53 0.64 -11.75 17.74
CA LYS C 53 1.45 -11.46 18.91
C LYS C 53 2.73 -12.26 18.79
N ASP C 54 3.77 -11.62 18.26
CA ASP C 54 5.05 -12.28 17.99
C ASP C 54 6.14 -11.81 18.94
N LYS C 55 7.17 -12.63 19.07
CA LYS C 55 8.32 -12.37 19.93
C LYS C 55 9.53 -13.07 19.35
N THR C 56 10.43 -12.28 18.77
CA THR C 56 11.63 -12.78 18.12
C THR C 56 12.89 -12.45 18.92
N SER C 57 13.99 -13.15 18.64
CA SER C 57 15.22 -12.98 19.40
C SER C 57 16.46 -13.43 18.61
N ASN C 58 17.35 -12.47 18.32
CA ASN C 58 18.58 -12.75 17.58
C ASN C 58 19.79 -12.07 18.23
N GLY C 59 20.64 -12.87 18.85
CA GLY C 59 21.82 -12.36 19.55
C GLY C 59 21.44 -11.58 20.80
N ARG C 60 21.97 -10.37 20.91
CA ARG C 60 21.62 -9.45 22.00
C ARG C 60 20.30 -8.74 21.71
N TYR C 61 19.92 -8.72 20.44
CA TYR C 61 18.64 -8.15 20.02
C TYR C 61 17.51 -9.13 20.29
N SER C 62 16.40 -8.59 20.78
CA SER C 62 15.15 -9.35 20.90
C SER C 62 13.98 -8.37 20.74
N ALA C 63 12.99 -8.78 19.96
CA ALA C 63 11.85 -7.92 19.66
C ALA C 63 10.49 -8.56 19.96
N THR C 64 9.50 -7.73 20.26
CA THR C 64 8.13 -8.17 20.52
C THR C 64 7.12 -7.30 19.76
N LEU C 65 6.09 -7.94 19.20
CA LEU C 65 5.05 -7.23 18.45
C LEU C 65 3.65 -7.53 18.98
N ASP C 66 2.85 -6.48 19.14
CA ASP C 66 1.44 -6.61 19.50
C ASP C 66 0.59 -5.87 18.47
N LYS C 67 -0.04 -6.62 17.58
CA LYS C 67 -0.76 -6.02 16.45
C LYS C 67 -2.08 -5.41 16.87
N ASP C 68 -2.64 -5.89 17.97
CA ASP C 68 -3.86 -5.31 18.53
C ASP C 68 -3.55 -3.96 19.17
N ALA C 69 -2.38 -3.86 19.79
CA ALA C 69 -1.89 -2.60 20.36
C ALA C 69 -1.27 -1.71 19.28
N LYS C 70 -1.01 -2.30 18.12
CA LYS C 70 -0.30 -1.67 16.99
C LYS C 70 1.07 -1.12 17.39
N HIS C 71 1.84 -1.95 18.09
CA HIS C 71 3.01 -1.51 18.84
C HIS C 71 4.10 -2.58 18.90
N SER C 72 5.36 -2.14 18.95
CA SER C 72 6.52 -3.03 18.96
C SER C 72 7.64 -2.47 19.82
N THR C 73 8.49 -3.35 20.35
CA THR C 73 9.60 -2.96 21.23
C THR C 73 10.89 -3.74 20.95
N LEU C 74 11.97 -3.00 20.70
CA LEU C 74 13.30 -3.60 20.49
C LEU C 74 14.17 -3.48 21.74
N HIS C 75 14.75 -4.62 22.14
CA HIS C 75 15.61 -4.69 23.30
C HIS C 75 17.04 -5.01 22.88
N ILE C 76 17.99 -4.26 23.43
CA ILE C 76 19.40 -4.60 23.32
C ILE C 76 19.91 -4.82 24.73
N THR C 77 20.18 -6.09 25.06
CA THR C 77 20.74 -6.48 26.36
C THR C 77 22.26 -6.39 26.27
N ALA C 78 22.87 -5.74 27.27
CA ALA C 78 24.31 -5.51 27.34
C ALA C 78 24.82 -4.74 26.12
N THR C 79 24.52 -3.45 26.07
CA THR C 79 24.83 -2.60 24.93
C THR C 79 26.33 -2.44 24.75
N LEU C 80 26.80 -2.62 23.52
CA LEU C 80 28.20 -2.41 23.17
C LEU C 80 28.42 -1.01 22.59
N LEU C 81 29.68 -0.59 22.52
CA LEU C 81 30.02 0.69 21.87
C LEU C 81 29.58 0.67 20.41
N ASP C 82 29.86 -0.44 19.74
CA ASP C 82 29.57 -0.59 18.30
C ASP C 82 28.08 -0.68 17.98
N ASP C 83 27.23 -0.53 19.00
CA ASP C 83 25.78 -0.45 18.80
C ASP C 83 25.30 0.97 18.53
N THR C 84 26.22 1.92 18.51
CA THR C 84 25.89 3.31 18.23
C THR C 84 25.49 3.45 16.78
N ALA C 85 24.18 3.50 16.56
CA ALA C 85 23.59 3.57 15.23
C ALA C 85 22.16 4.10 15.33
N THR C 86 21.52 4.27 14.18
CA THR C 86 20.11 4.66 14.14
C THR C 86 19.26 3.44 13.87
N TYR C 87 18.17 3.31 14.63
CA TYR C 87 17.32 2.14 14.55
C TYR C 87 15.95 2.50 13.98
N ILE C 88 15.58 1.80 12.91
CA ILE C 88 14.43 2.18 12.11
C ILE C 88 13.34 1.11 12.14
N CYS C 89 12.14 1.53 12.55
CA CYS C 89 10.97 0.66 12.55
C CYS C 89 10.27 0.73 11.20
N VAL C 90 9.98 -0.44 10.63
CA VAL C 90 9.36 -0.55 9.31
C VAL C 90 8.20 -1.55 9.35
N VAL C 91 7.03 -1.08 8.91
CA VAL C 91 5.82 -1.92 8.84
C VAL C 91 5.45 -2.10 7.36
N GLY C 92 5.13 -3.33 6.98
CA GLY C 92 4.82 -3.64 5.57
C GLY C 92 3.39 -4.12 5.37
N ASP C 93 2.60 -3.35 4.63
CA ASP C 93 1.14 -3.52 4.58
C ASP C 93 0.63 -4.85 4.01
N ARG C 94 1.29 -5.36 2.96
CA ARG C 94 0.94 -6.64 2.37
C ARG C 94 2.02 -7.68 2.60
N GLY C 95 1.64 -8.96 2.50
CA GLY C 95 2.58 -10.07 2.59
C GLY C 95 2.94 -10.63 1.23
N SER C 96 3.19 -9.75 0.27
CA SER C 96 3.58 -10.15 -1.09
C SER C 96 4.40 -9.09 -1.79
N ALA C 97 4.71 -9.32 -3.07
CA ALA C 97 5.48 -8.38 -3.88
C ALA C 97 4.76 -7.05 -4.10
N LEU C 98 3.43 -7.06 -3.95
CA LEU C 98 2.61 -5.86 -4.14
C LEU C 98 2.49 -5.01 -2.87
N GLY C 99 3.34 -5.28 -1.89
CA GLY C 99 3.34 -4.53 -0.64
C GLY C 99 4.07 -3.20 -0.73
N ARG C 100 3.91 -2.39 0.30
CA ARG C 100 4.57 -1.08 0.39
C ARG C 100 4.99 -0.84 1.83
N LEU C 101 6.30 -0.76 2.04
CA LEU C 101 6.87 -0.55 3.38
C LEU C 101 6.63 0.87 3.86
N HIS C 102 6.49 1.01 5.18
CA HIS C 102 6.32 2.31 5.80
C HIS C 102 7.42 2.49 6.83
N PHE C 103 8.19 3.57 6.69
CA PHE C 103 9.39 3.78 7.49
C PHE C 103 9.19 4.80 8.61
N GLY C 104 9.60 4.42 9.82
CA GLY C 104 9.65 5.35 10.95
C GLY C 104 10.86 6.25 10.84
N ALA C 105 10.78 7.42 11.49
CA ALA C 105 11.84 8.42 11.43
C ALA C 105 13.15 7.98 12.07
N GLY C 106 13.10 6.89 12.85
CA GLY C 106 14.30 6.32 13.45
C GLY C 106 14.57 6.77 14.88
N THR C 107 15.41 6.01 15.57
CA THR C 107 15.89 6.35 16.90
C THR C 107 17.40 6.27 16.93
N GLN C 108 18.05 7.39 17.28
CA GLN C 108 19.50 7.43 17.38
C GLN C 108 19.96 6.94 18.76
N LEU C 109 20.68 5.81 18.76
CA LEU C 109 21.23 5.26 19.99
C LEU C 109 22.69 5.67 20.15
N ILE C 110 22.99 6.30 21.29
CA ILE C 110 24.35 6.70 21.63
C ILE C 110 24.80 5.96 22.90
N VAL C 111 25.91 5.25 22.78
CA VAL C 111 26.41 4.41 23.86
C VAL C 111 27.65 5.03 24.48
N ILE C 112 27.54 5.45 25.74
CA ILE C 112 28.66 6.11 26.43
C ILE C 112 29.55 5.10 27.16
N PRO C 113 30.87 5.16 26.91
CA PRO C 113 31.81 4.19 27.46
C PRO C 113 32.06 4.34 28.97
N ASP C 114 32.04 3.20 29.66
CA ASP C 114 32.39 3.16 31.07
C ASP C 114 33.90 3.34 31.21
N ILE C 115 34.31 4.56 31.55
CA ILE C 115 35.72 4.88 31.73
C ILE C 115 36.14 4.48 33.14
N GLN C 116 36.88 3.37 33.21
CA GLN C 116 37.23 2.73 34.48
C GLN C 116 38.08 3.65 35.36
N ASN C 117 39.13 4.22 34.77
CA ASN C 117 40.02 5.14 35.48
C ASN C 117 40.17 6.46 34.73
N PRO C 118 39.41 7.49 35.15
CA PRO C 118 39.44 8.78 34.48
C PRO C 118 40.71 9.55 34.81
N ASP C 119 41.43 9.98 33.78
CA ASP C 119 42.65 10.77 33.93
C ASP C 119 42.53 12.09 33.17
N PRO C 120 41.61 12.98 33.59
CA PRO C 120 41.29 14.18 32.83
C PRO C 120 42.51 15.04 32.60
N ALA C 121 42.69 15.52 31.37
CA ALA C 121 43.84 16.35 31.03
C ALA C 121 43.61 17.14 29.75
N VAL C 122 44.22 18.32 29.68
CA VAL C 122 44.23 19.14 28.47
C VAL C 122 45.66 19.35 28.02
N TYR C 123 46.01 18.81 26.85
CA TYR C 123 47.37 18.92 26.33
C TYR C 123 47.42 19.90 25.17
N GLN C 124 48.63 20.25 24.73
CA GLN C 124 48.78 21.14 23.58
C GLN C 124 49.66 20.51 22.51
N LEU C 125 49.09 20.35 21.32
CA LEU C 125 49.78 19.67 20.22
C LEU C 125 50.18 20.67 19.14
N ARG C 126 51.43 20.58 18.69
CA ARG C 126 51.94 21.51 17.71
C ARG C 126 51.99 20.88 16.32
N ASP C 127 51.81 21.74 15.30
CA ASP C 127 51.76 21.33 13.90
C ASP C 127 53.00 20.54 13.49
N SER C 128 52.80 19.53 12.66
CA SER C 128 53.89 18.69 12.16
C SER C 128 54.84 19.43 11.20
N LYS C 129 54.51 20.69 10.87
CA LYS C 129 55.30 21.47 9.93
C LYS C 129 55.68 22.86 10.44
N SER C 130 54.90 23.39 11.38
CA SER C 130 55.11 24.74 11.89
C SER C 130 55.02 24.86 13.42
N SER C 131 55.71 25.85 13.97
CA SER C 131 55.68 26.10 15.40
C SER C 131 54.38 26.80 15.81
N ASP C 132 53.95 27.76 14.99
CA ASP C 132 52.85 28.66 15.30
C ASP C 132 51.48 27.99 15.48
N LYS C 133 51.13 27.09 14.57
CA LYS C 133 49.84 26.39 14.64
C LYS C 133 49.84 25.31 15.73
N SER C 134 48.95 25.49 16.70
CA SER C 134 48.74 24.51 17.76
C SER C 134 47.26 24.15 17.92
N VAL C 135 46.98 23.09 18.68
CA VAL C 135 45.62 22.75 19.08
C VAL C 135 45.55 22.43 20.58
N CYS C 136 44.34 22.25 21.09
CA CYS C 136 44.16 21.79 22.46
C CYS C 136 43.43 20.45 22.47
N LEU C 137 44.00 19.47 23.15
CA LEU C 137 43.37 18.17 23.29
C LEU C 137 42.88 17.94 24.71
N PHE C 138 41.55 17.87 24.87
CA PHE C 138 40.93 17.48 26.13
C PHE C 138 40.63 15.99 26.03
N THR C 139 41.23 15.21 26.92
CA THR C 139 41.20 13.76 26.79
C THR C 139 41.12 13.06 28.14
N ASP C 140 40.78 11.77 28.12
CA ASP C 140 40.77 10.89 29.29
C ASP C 140 39.82 11.26 30.45
N PHE C 141 38.85 12.11 30.17
CA PHE C 141 37.78 12.39 31.13
C PHE C 141 36.72 11.31 31.03
N ASP C 142 35.88 11.21 32.06
CA ASP C 142 34.81 10.20 32.07
C ASP C 142 33.64 10.67 31.20
N SER C 143 32.67 9.78 31.02
CA SER C 143 31.53 10.08 30.17
C SER C 143 30.49 10.97 30.84
N GLN C 144 30.67 11.25 32.13
CA GLN C 144 29.80 12.16 32.88
C GLN C 144 29.96 13.61 32.42
N THR C 145 31.15 13.95 31.93
CA THR C 145 31.46 15.28 31.41
C THR C 145 30.82 15.53 30.03
N ASN C 146 30.11 16.66 29.91
CA ASN C 146 29.60 17.14 28.62
C ASN C 146 30.39 18.37 28.13
N VAL C 147 30.73 18.39 26.84
CA VAL C 147 31.58 19.46 26.28
C VAL C 147 30.81 20.55 25.52
N SER C 148 30.55 21.66 26.20
CA SER C 148 29.82 22.80 25.62
C SER C 148 30.64 23.54 24.57
N GLN C 149 29.97 23.99 23.51
CA GLN C 149 30.61 24.65 22.38
C GLN C 149 31.11 26.07 22.71
N SER C 150 31.64 26.76 21.71
CA SER C 150 32.30 28.04 21.88
C SER C 150 31.32 29.21 22.04
N LYS C 151 31.59 30.07 23.01
CA LYS C 151 30.89 31.35 23.14
C LYS C 151 31.56 32.39 22.25
N ASP C 152 32.78 32.09 21.81
CA ASP C 152 33.57 32.97 20.95
C ASP C 152 33.40 32.56 19.48
N SER C 153 33.37 33.57 18.59
CA SER C 153 33.20 33.35 17.16
C SER C 153 34.50 32.90 16.46
N ASP C 154 35.62 33.00 17.18
CA ASP C 154 36.93 32.70 16.62
C ASP C 154 37.51 31.37 17.14
N VAL C 155 37.03 30.91 18.28
CA VAL C 155 37.46 29.62 18.86
C VAL C 155 36.59 28.48 18.32
N TYR C 156 37.21 27.35 18.01
CA TYR C 156 36.48 26.19 17.51
C TYR C 156 36.68 24.97 18.41
N ILE C 157 35.62 24.60 19.13
CA ILE C 157 35.61 23.43 20.01
C ILE C 157 34.76 22.32 19.38
N THR C 158 35.29 21.10 19.34
CA THR C 158 34.52 19.98 18.77
C THR C 158 33.78 19.19 19.85
N ASP C 159 32.85 18.34 19.40
CA ASP C 159 32.06 17.49 20.28
C ASP C 159 32.90 16.28 20.66
N LYS C 160 32.65 15.74 21.86
CA LYS C 160 33.45 14.63 22.39
C LYS C 160 33.32 13.38 21.54
N CYS C 161 34.43 12.66 21.42
CA CYS C 161 34.51 11.50 20.56
C CYS C 161 35.30 10.37 21.22
N VAL C 162 34.70 9.19 21.23
CA VAL C 162 35.25 8.01 21.89
C VAL C 162 36.16 7.24 20.94
N LEU C 163 37.35 6.87 21.40
CA LEU C 163 38.25 6.00 20.65
C LEU C 163 38.53 4.71 21.40
N ASP C 164 38.74 3.63 20.66
CA ASP C 164 38.99 2.31 21.22
C ASP C 164 40.33 1.77 20.77
N MET C 165 41.18 1.44 21.74
CA MET C 165 42.47 0.81 21.46
C MET C 165 42.31 -0.71 21.60
N ARG C 166 41.99 -1.35 20.48
CA ARG C 166 41.56 -2.75 20.45
C ARG C 166 42.43 -3.70 21.26
N SER C 167 43.74 -3.69 20.99
CA SER C 167 44.66 -4.67 21.60
C SER C 167 45.00 -4.39 23.06
N MET C 168 44.52 -3.26 23.59
CA MET C 168 44.73 -2.92 24.99
C MET C 168 43.43 -2.66 25.76
N ASP C 169 42.29 -2.90 25.10
CA ASP C 169 40.96 -2.68 25.67
C ASP C 169 40.89 -1.38 26.48
N PHE C 170 41.35 -0.30 25.86
CA PHE C 170 41.31 1.02 26.46
C PHE C 170 40.48 1.96 25.61
N LYS C 171 39.45 2.54 26.24
CA LYS C 171 38.56 3.49 25.60
C LYS C 171 38.79 4.86 26.23
N SER C 172 38.73 5.92 25.42
CA SER C 172 38.95 7.27 25.95
C SER C 172 38.17 8.37 25.22
N ASN C 173 37.54 9.25 26.01
CA ASN C 173 36.89 10.45 25.50
C ASN C 173 37.92 11.52 25.15
N SER C 174 37.55 12.42 24.24
CA SER C 174 38.44 13.49 23.80
C SER C 174 37.69 14.56 23.03
N ALA C 175 37.97 15.81 23.34
CA ALA C 175 37.51 16.94 22.54
C ALA C 175 38.73 17.73 22.06
N VAL C 176 38.60 18.36 20.90
CA VAL C 176 39.70 19.14 20.34
C VAL C 176 39.24 20.58 20.13
N ALA C 177 40.10 21.52 20.52
CA ALA C 177 39.81 22.93 20.35
C ALA C 177 40.99 23.68 19.77
N TRP C 178 40.70 24.75 19.02
CA TRP C 178 41.74 25.62 18.48
C TRP C 178 41.19 27.01 18.15
N SER C 179 42.09 27.96 17.97
CA SER C 179 41.72 29.33 17.69
C SER C 179 42.79 30.05 16.89
N ASN C 180 42.37 30.86 15.93
CA ASN C 180 43.28 31.72 15.18
C ASN C 180 43.89 32.81 16.06
N LYS C 181 43.19 33.12 17.16
CA LYS C 181 43.60 34.16 18.11
C LYS C 181 44.76 33.69 18.97
N ASP C 183 45.68 35.63 22.60
CA ASP C 183 45.37 35.49 24.03
C ASP C 183 44.76 34.12 24.33
N PHE C 184 44.65 33.28 23.31
CA PHE C 184 44.06 31.96 23.47
C PHE C 184 45.03 30.98 24.11
N ALA C 185 44.86 30.78 25.41
CA ALA C 185 45.63 29.79 26.16
C ALA C 185 44.90 28.47 26.17
N CYS C 186 45.67 27.39 26.16
CA CYS C 186 45.17 26.03 26.12
C CYS C 186 44.48 25.61 27.42
N ALA C 187 44.86 26.24 28.53
CA ALA C 187 44.20 26.01 29.82
C ALA C 187 42.76 26.51 29.80
N ASN C 188 42.60 27.80 29.49
CA ASN C 188 41.26 28.36 29.37
C ASN C 188 40.78 28.32 27.92
N ALA C 189 40.40 27.12 27.51
CA ALA C 189 39.99 26.81 26.15
C ALA C 189 38.63 26.11 26.21
N PHE C 190 38.49 25.24 27.21
CA PHE C 190 37.26 24.50 27.45
C PHE C 190 36.53 25.12 28.62
N ASN C 191 36.68 26.44 28.76
CA ASN C 191 36.14 27.17 29.91
C ASN C 191 34.63 27.37 29.86
N ASN C 192 34.02 27.04 28.72
CA ASN C 192 32.57 27.11 28.55
CA ASN C 192 32.57 27.11 28.61
C ASN C 192 31.93 25.79 28.99
N SER C 193 32.77 24.76 29.09
CA SER C 193 32.38 23.45 29.60
C SER C 193 32.73 23.40 31.07
N ILE C 194 32.17 22.44 31.80
CA ILE C 194 32.53 22.26 33.21
C ILE C 194 33.52 21.11 33.38
N ILE C 195 34.74 21.48 33.76
CA ILE C 195 35.85 20.54 33.87
C ILE C 195 35.98 19.96 35.29
N PRO C 196 36.52 18.73 35.40
CA PRO C 196 36.84 18.12 36.70
C PRO C 196 37.95 18.87 37.42
N GLU C 197 37.98 18.77 38.75
CA GLU C 197 39.04 19.42 39.53
C GLU C 197 40.43 18.85 39.19
N ASP C 198 40.57 17.54 39.27
CA ASP C 198 41.87 16.88 39.07
C ASP C 198 42.38 16.88 37.61
N THR C 199 41.83 17.75 36.77
CA THR C 199 42.24 17.86 35.37
C THR C 199 43.67 18.35 35.30
N PHE C 200 44.47 17.70 34.46
CA PHE C 200 45.89 18.01 34.34
C PHE C 200 46.10 19.09 33.29
N PHE C 201 46.68 20.21 33.71
CA PHE C 201 46.97 21.32 32.82
C PHE C 201 48.48 21.58 32.82
N PRO C 202 49.22 20.88 31.94
CA PRO C 202 50.66 21.08 31.82
C PRO C 202 50.97 22.47 31.29
N SER C 203 52.06 23.07 31.77
CA SER C 203 52.46 24.39 31.32
C SER C 203 53.06 24.34 29.92
N PRO C 204 52.73 25.33 29.07
CA PRO C 204 53.18 25.36 27.68
C PRO C 204 54.62 25.85 27.54
N VAL D 4 24.12 -5.40 -3.99
CA VAL D 4 23.34 -4.16 -4.29
C VAL D 4 24.24 -2.93 -4.20
N THR D 5 24.90 -2.61 -5.32
CA THR D 5 25.89 -1.53 -5.38
C THR D 5 25.25 -0.23 -5.81
N GLN D 6 25.79 0.88 -5.32
CA GLN D 6 25.35 2.23 -5.72
C GLN D 6 26.53 3.08 -6.18
N SER D 7 26.34 3.76 -7.31
CA SER D 7 27.31 4.75 -7.79
C SER D 7 26.58 5.93 -8.43
N PRO D 8 26.98 7.17 -8.07
CA PRO D 8 28.13 7.47 -7.20
C PRO D 8 27.79 7.35 -5.72
N ARG D 9 28.81 7.31 -4.87
CA ARG D 9 28.62 7.33 -3.42
C ARG D 9 28.43 8.76 -2.93
N ASN D 10 29.17 9.69 -3.51
CA ASN D 10 29.04 11.12 -3.22
C ASN D 10 28.90 11.92 -4.51
N LYS D 11 28.16 13.02 -4.44
CA LYS D 11 27.99 13.92 -5.59
C LYS D 11 27.68 15.35 -5.17
N VAL D 12 28.42 16.30 -5.76
CA VAL D 12 28.13 17.71 -5.62
C VAL D 12 27.60 18.23 -6.96
N ALA D 13 26.36 18.71 -6.96
CA ALA D 13 25.68 19.15 -8.17
C ALA D 13 25.29 20.63 -8.11
N VAL D 14 25.09 21.22 -9.29
CA VAL D 14 24.66 22.62 -9.42
C VAL D 14 23.16 22.66 -9.65
N THR D 15 22.54 23.82 -9.40
CA THR D 15 21.13 24.02 -9.74
C THR D 15 20.98 23.95 -11.25
N GLY D 16 19.99 23.18 -11.71
CA GLY D 16 19.71 23.05 -13.13
C GLY D 16 20.63 22.11 -13.88
N GLY D 17 21.38 21.29 -13.14
CA GLY D 17 22.29 20.31 -13.72
C GLY D 17 21.71 18.91 -13.74
N LYS D 18 22.02 18.15 -14.80
CA LYS D 18 21.49 16.78 -14.98
C LYS D 18 22.31 15.75 -14.20
N VAL D 19 21.64 15.03 -13.30
CA VAL D 19 22.28 14.07 -12.42
C VAL D 19 21.58 12.71 -12.47
N THR D 20 22.39 11.67 -12.68
CA THR D 20 21.90 10.29 -12.66
C THR D 20 22.52 9.57 -11.47
N LEU D 21 21.67 8.86 -10.72
CA LEU D 21 22.14 7.97 -9.67
C LEU D 21 21.86 6.54 -10.08
N SER D 22 22.92 5.78 -10.34
CA SER D 22 22.80 4.39 -10.76
C SER D 22 22.57 3.45 -9.58
N CYS D 23 22.05 2.26 -9.86
CA CYS D 23 21.87 1.20 -8.88
C CYS D 23 21.93 -0.17 -9.57
N ASN D 24 22.85 -1.01 -9.12
CA ASN D 24 23.08 -2.30 -9.75
C ASN D 24 23.02 -3.45 -8.74
N GLN D 25 22.23 -4.46 -9.05
CA GLN D 25 22.13 -5.65 -8.19
C GLN D 25 22.12 -6.96 -8.99
N THR D 26 22.80 -7.96 -8.44
CA THR D 26 22.88 -9.29 -9.06
C THR D 26 22.27 -10.35 -8.14
N ASN D 27 20.95 -10.25 -7.95
CA ASN D 27 20.20 -11.18 -7.12
C ASN D 27 19.04 -11.79 -7.87
N ASN D 28 18.81 -11.29 -9.08
CA ASN D 28 17.74 -11.77 -9.96
C ASN D 28 16.36 -11.28 -9.50
N HIS D 29 16.33 -10.17 -8.78
CA HIS D 29 15.07 -9.60 -8.28
C HIS D 29 14.34 -8.79 -9.34
N ASN D 30 13.02 -8.92 -9.35
CA ASN D 30 12.17 -8.19 -10.29
C ASN D 30 11.83 -6.78 -9.81
N ASN D 31 11.68 -6.62 -8.49
CA ASN D 31 11.29 -5.33 -7.91
C ASN D 31 12.46 -4.51 -7.42
N MET D 32 12.49 -3.22 -7.78
CA MET D 32 13.52 -2.29 -7.31
C MET D 32 12.90 -0.95 -6.92
N TYR D 33 13.53 -0.29 -5.94
CA TYR D 33 12.98 0.94 -5.34
C TYR D 33 14.01 2.06 -5.25
N TRP D 34 13.54 3.30 -5.24
CA TRP D 34 14.39 4.46 -4.96
C TRP D 34 13.80 5.33 -3.85
N TYR D 35 14.46 5.33 -2.70
CA TYR D 35 14.03 6.13 -1.54
C TYR D 35 14.97 7.30 -1.32
N ARG D 36 14.52 8.26 -0.51
CA ARG D 36 15.42 9.31 -0.03
C ARG D 36 15.22 9.57 1.46
N GLN D 37 16.33 9.77 2.17
CA GLN D 37 16.30 9.99 3.61
C GLN D 37 16.59 11.44 3.97
N ASP D 38 15.74 12.01 4.81
CA ASP D 38 15.91 13.36 5.32
C ASP D 38 15.64 13.38 6.81
N THR D 39 16.51 14.06 7.56
CA THR D 39 16.36 14.14 9.02
C THR D 39 14.96 14.57 9.42
N GLY D 40 14.36 13.80 10.32
CA GLY D 40 13.03 14.08 10.85
C GLY D 40 11.92 13.31 10.15
N HIS D 41 12.26 12.58 9.09
CA HIS D 41 11.26 11.93 8.24
C HIS D 41 11.24 10.40 8.29
N GLY D 42 12.33 9.77 7.89
CA GLY D 42 12.32 8.34 7.57
C GLY D 42 12.05 8.15 6.08
N LEU D 43 12.64 7.11 5.50
CA LEU D 43 12.69 6.89 4.05
C LEU D 43 11.38 7.08 3.31
N ARG D 44 11.43 7.83 2.21
CA ARG D 44 10.25 8.09 1.37
C ARG D 44 10.45 7.61 -0.08
N LEU D 45 9.38 7.06 -0.67
CA LEU D 45 9.48 6.41 -1.98
C LEU D 45 9.36 7.36 -3.16
N ILE D 46 10.36 7.33 -4.04
CA ILE D 46 10.39 8.19 -5.21
C ILE D 46 9.87 7.44 -6.43
N HIS D 47 10.63 6.47 -6.92
CA HIS D 47 10.20 5.65 -8.04
C HIS D 47 10.51 4.19 -7.73
N TYR D 48 9.68 3.29 -8.26
CA TYR D 48 9.88 1.87 -8.11
C TYR D 48 9.57 1.10 -9.39
N SER D 49 10.00 -0.16 -9.45
CA SER D 49 9.86 -0.95 -10.66
C SER D 49 9.42 -2.38 -10.38
N TYR D 50 8.59 -2.92 -11.26
CA TYR D 50 8.16 -4.32 -11.16
C TYR D 50 8.92 -5.25 -12.10
N GLY D 51 9.88 -4.69 -12.84
CA GLY D 51 10.71 -5.48 -13.75
C GLY D 51 11.37 -4.66 -14.85
N ALA D 52 11.98 -5.36 -15.79
CA ALA D 52 12.69 -4.74 -16.91
C ALA D 52 11.75 -3.99 -17.85
N GLY D 53 11.84 -2.66 -17.84
CA GLY D 53 10.98 -1.81 -18.66
C GLY D 53 9.82 -1.17 -17.90
N SER D 54 9.79 -1.37 -16.59
CA SER D 54 8.74 -0.80 -15.75
C SER D 54 9.27 0.33 -14.87
N THR D 55 8.52 1.43 -14.82
CA THR D 55 8.83 2.54 -13.92
C THR D 55 7.52 3.10 -13.38
N GLU D 56 7.43 3.25 -12.06
CA GLU D 56 6.20 3.72 -11.42
C GLU D 56 6.46 4.80 -10.38
N LYS D 57 5.59 5.81 -10.36
CA LYS D 57 5.70 6.92 -9.40
C LYS D 57 5.41 6.45 -7.98
N GLY D 58 6.16 7.01 -7.02
CA GLY D 58 5.92 6.75 -5.60
C GLY D 58 5.20 7.91 -4.93
N ASP D 59 5.54 8.16 -3.67
CA ASP D 59 4.88 9.20 -2.88
C ASP D 59 5.31 10.62 -3.24
N ILE D 60 6.56 10.77 -3.69
CA ILE D 60 7.10 12.08 -4.11
C ILE D 60 8.01 12.01 -5.36
N PRO D 61 7.42 11.76 -6.54
CA PRO D 61 8.23 11.59 -7.76
C PRO D 61 8.63 12.91 -8.44
N ASP D 62 8.20 14.04 -7.88
CA ASP D 62 8.39 15.36 -8.50
C ASP D 62 9.85 15.79 -8.60
N GLY D 63 10.28 16.08 -9.82
CA GLY D 63 11.67 16.42 -10.11
C GLY D 63 12.54 15.19 -10.34
N TYR D 64 11.91 14.02 -10.36
CA TYR D 64 12.64 12.78 -10.55
C TYR D 64 12.06 11.95 -11.68
N LYS D 65 12.95 11.29 -12.42
CA LYS D 65 12.57 10.32 -13.46
C LYS D 65 13.33 9.01 -13.24
N ALA D 66 12.72 7.90 -13.62
CA ALA D 66 13.34 6.59 -13.45
C ALA D 66 13.51 5.87 -14.79
N SER D 67 14.42 4.90 -14.82
CA SER D 67 14.61 4.05 -15.98
C SER D 67 15.10 2.68 -15.53
N ARG D 68 14.57 1.63 -16.16
CA ARG D 68 15.06 0.29 -15.92
C ARG D 68 15.39 -0.40 -17.25
N PRO D 69 16.65 -0.27 -17.71
CA PRO D 69 17.11 -0.83 -18.98
C PRO D 69 17.24 -2.36 -18.94
N SER D 70 17.68 -2.88 -17.80
CA SER D 70 17.80 -4.33 -17.60
C SER D 70 17.29 -4.72 -16.20
N GLN D 71 17.23 -6.02 -15.94
CA GLN D 71 16.88 -6.55 -14.62
C GLN D 71 17.87 -6.04 -13.57
N GLU D 72 19.15 -6.01 -13.97
CA GLU D 72 20.25 -5.65 -13.08
C GLU D 72 20.25 -4.18 -12.61
N ASN D 73 20.02 -3.25 -13.54
CA ASN D 73 20.14 -1.81 -13.25
C ASN D 73 18.83 -1.03 -13.11
N PHE D 74 18.88 0.05 -12.33
CA PHE D 74 17.71 0.93 -12.10
C PHE D 74 18.19 2.33 -11.67
N SER D 75 18.07 3.29 -12.59
CA SER D 75 18.62 4.62 -12.38
C SER D 75 17.57 5.68 -12.05
N LEU D 76 17.96 6.63 -11.19
CA LEU D 76 17.14 7.78 -10.86
C LEU D 76 17.71 9.02 -11.54
N ILE D 77 16.98 9.55 -12.51
CA ILE D 77 17.45 10.68 -13.31
C ILE D 77 16.78 11.99 -12.90
N LEU D 78 17.62 12.97 -12.55
CA LEU D 78 17.14 14.30 -12.20
C LEU D 78 17.50 15.24 -13.34
N GLU D 79 16.52 15.56 -14.19
CA GLU D 79 16.74 16.44 -15.34
C GLU D 79 17.26 17.79 -14.87
N LEU D 80 16.38 18.56 -14.23
CA LEU D 80 16.75 19.84 -13.63
C LEU D 80 16.83 19.65 -12.12
N ALA D 81 17.97 20.03 -11.54
CA ALA D 81 18.23 19.82 -10.11
C ALA D 81 17.78 21.01 -9.27
N THR D 82 17.34 20.71 -8.05
CA THR D 82 16.92 21.74 -7.10
C THR D 82 17.80 21.64 -5.87
N PRO D 83 18.02 22.76 -5.16
CA PRO D 83 18.67 22.71 -3.85
C PRO D 83 17.90 21.83 -2.87
N SER D 84 16.58 21.78 -3.01
CA SER D 84 15.72 20.97 -2.16
C SER D 84 15.97 19.47 -2.36
N GLN D 85 16.56 19.11 -3.50
CA GLN D 85 16.84 17.71 -3.80
C GLN D 85 18.15 17.22 -3.17
N THR D 86 18.70 18.04 -2.28
CA THR D 86 19.85 17.67 -1.46
C THR D 86 19.37 16.70 -0.38
N SER D 87 19.78 15.44 -0.52
CA SER D 87 19.34 14.37 0.37
C SER D 87 20.29 13.17 0.27
N VAL D 88 20.06 12.18 1.12
CA VAL D 88 20.76 10.90 1.00
C VAL D 88 19.82 9.90 0.36
N TYR D 89 20.25 9.34 -0.77
CA TYR D 89 19.39 8.46 -1.57
C TYR D 89 19.75 6.99 -1.39
N PHE D 90 18.75 6.18 -1.09
CA PHE D 90 18.92 4.75 -0.95
C PHE D 90 18.17 3.99 -2.03
N CYS D 91 18.84 2.98 -2.58
CA CYS D 91 18.24 2.05 -3.52
C CYS D 91 17.88 0.77 -2.78
N ALA D 92 16.92 0.03 -3.30
CA ALA D 92 16.50 -1.24 -2.71
C ALA D 92 16.01 -2.20 -3.78
N SER D 93 16.14 -3.50 -3.51
CA SER D 93 15.59 -4.54 -4.38
C SER D 93 14.93 -5.63 -3.53
N GLY D 94 14.33 -6.61 -4.21
CA GLY D 94 13.68 -7.73 -3.53
C GLY D 94 12.18 -7.65 -3.49
N ASP D 95 11.55 -8.76 -3.11
CA ASP D 95 10.09 -8.87 -3.05
C ASP D 95 9.56 -8.54 -1.66
N GLU D 102 10.67 -9.15 1.55
CA GLU D 102 11.83 -8.55 2.21
C GLU D 102 12.69 -7.76 1.22
N GLN D 103 12.88 -6.48 1.50
CA GLN D 103 13.71 -5.62 0.66
C GLN D 103 15.17 -5.62 1.14
N PHE D 104 16.10 -5.41 0.21
CA PHE D 104 17.52 -5.32 0.52
C PHE D 104 18.08 -3.96 0.08
N PHE D 105 18.68 -3.24 1.03
CA PHE D 105 19.04 -1.84 0.85
C PHE D 105 20.51 -1.58 0.54
N GLY D 106 20.75 -0.68 -0.42
CA GLY D 106 22.09 -0.32 -0.85
C GLY D 106 22.79 0.64 0.09
N PRO D 107 24.07 0.93 -0.16
CA PRO D 107 24.93 1.64 0.80
C PRO D 107 24.55 3.11 0.99
N GLY D 108 23.89 3.69 0.00
CA GLY D 108 23.46 5.08 0.07
C GLY D 108 24.27 6.03 -0.80
N THR D 109 23.63 7.11 -1.22
CA THR D 109 24.27 8.17 -2.01
C THR D 109 23.99 9.53 -1.41
N ARG D 110 25.05 10.21 -1.02
CA ARG D 110 24.96 11.54 -0.46
C ARG D 110 25.07 12.54 -1.61
N LEU D 111 23.99 13.29 -1.84
CA LEU D 111 23.94 14.26 -2.92
C LEU D 111 23.65 15.67 -2.42
N THR D 112 24.58 16.60 -2.68
CA THR D 112 24.40 18.01 -2.38
C THR D 112 24.23 18.81 -3.66
N VAL D 113 23.14 19.58 -3.74
CA VAL D 113 22.91 20.46 -4.89
C VAL D 113 22.96 21.92 -4.44
N LEU D 114 23.78 22.71 -5.13
CA LEU D 114 24.06 24.09 -4.74
C LEU D 114 23.55 25.13 -5.74
N GLU D 115 23.31 26.33 -5.25
CA GLU D 115 22.87 27.45 -6.10
C GLU D 115 24.02 27.95 -6.99
N ASP D 116 25.18 28.18 -6.37
CA ASP D 116 26.39 28.52 -7.09
C ASP D 116 27.56 27.67 -6.60
N LEU D 117 28.50 27.38 -7.50
CA LEU D 117 29.70 26.62 -7.13
C LEU D 117 30.85 27.54 -6.74
N LYS D 118 30.59 28.85 -6.70
CA LYS D 118 31.61 29.85 -6.37
C LYS D 118 32.21 29.69 -4.97
N ASN D 119 31.43 29.10 -4.06
CA ASN D 119 31.86 28.94 -2.66
C ASN D 119 32.47 27.56 -2.35
N VAL D 120 32.73 26.77 -3.39
CA VAL D 120 33.25 25.39 -3.22
C VAL D 120 34.76 25.38 -3.04
N PHE D 121 35.20 24.88 -1.88
CA PHE D 121 36.60 24.85 -1.48
C PHE D 121 37.05 23.46 -0.99
N PRO D 122 38.28 23.05 -1.31
CA PRO D 122 38.85 21.84 -0.75
C PRO D 122 39.33 22.07 0.69
N PRO D 123 39.60 20.98 1.45
CA PRO D 123 40.08 21.13 2.82
C PRO D 123 41.57 21.41 2.94
N GLU D 124 41.94 22.17 3.96
CA GLU D 124 43.34 22.35 4.37
C GLU D 124 43.61 21.28 5.44
N VAL D 125 44.66 20.48 5.25
CA VAL D 125 44.92 19.37 6.17
C VAL D 125 46.23 19.55 6.94
N ALA D 126 46.14 19.36 8.25
CA ALA D 126 47.29 19.45 9.16
C ALA D 126 47.25 18.35 10.21
N VAL D 127 48.40 17.70 10.43
CA VAL D 127 48.58 16.75 11.51
C VAL D 127 49.23 17.46 12.70
N PHE D 128 48.77 17.19 13.90
CA PHE D 128 49.38 17.75 15.10
C PHE D 128 50.03 16.65 15.95
N GLU D 129 51.33 16.78 16.17
CA GLU D 129 52.12 15.77 16.89
C GLU D 129 51.81 15.74 18.39
N PRO D 130 51.91 14.55 19.02
CA PRO D 130 51.62 14.36 20.45
C PRO D 130 52.48 15.23 21.36
N SER D 131 51.97 15.55 22.53
CA SER D 131 52.71 16.38 23.48
C SER D 131 53.52 15.54 24.47
N GLU D 132 54.74 15.98 24.76
CA GLU D 132 55.61 15.32 25.71
C GLU D 132 54.89 14.97 27.01
N ALA D 133 54.23 15.98 27.59
CA ALA D 133 53.45 15.81 28.83
C ALA D 133 52.50 14.62 28.81
N GLU D 134 51.75 14.45 27.71
CA GLU D 134 50.85 13.31 27.55
C GLU D 134 51.66 12.01 27.48
N ILE D 135 52.73 12.01 26.70
CA ILE D 135 53.57 10.82 26.53
C ILE D 135 54.13 10.38 27.89
N SER D 136 54.59 11.34 28.68
CA SER D 136 55.17 11.06 29.99
C SER D 136 54.14 10.60 31.01
N HIS D 137 52.91 11.05 30.87
CA HIS D 137 51.89 10.85 31.91
C HIS D 137 51.02 9.61 31.70
N THR D 138 50.83 9.23 30.45
CA THR D 138 49.92 8.14 30.08
C THR D 138 50.65 6.99 29.42
N GLN D 139 51.89 7.24 28.98
CA GLN D 139 52.63 6.32 28.11
C GLN D 139 51.82 5.95 26.85
N LYS D 140 51.03 6.93 26.40
CA LYS D 140 50.25 6.84 25.16
C LYS D 140 50.37 8.18 24.44
N ALA D 141 50.29 8.14 23.10
CA ALA D 141 50.48 9.33 22.28
C ALA D 141 49.28 9.57 21.36
N THR D 142 48.70 10.77 21.44
CA THR D 142 47.56 11.11 20.58
C THR D 142 48.00 12.05 19.45
N LEU D 143 47.55 11.75 18.24
CA LEU D 143 47.81 12.59 17.07
C LEU D 143 46.50 13.12 16.55
N VAL D 144 46.41 14.44 16.41
CA VAL D 144 45.18 15.09 15.98
C VAL D 144 45.30 15.55 14.53
N CYS D 145 44.31 15.22 13.73
CA CYS D 145 44.22 15.71 12.35
C CYS D 145 43.13 16.79 12.26
N LEU D 146 43.43 17.84 11.51
CA LEU D 146 42.50 18.96 11.36
C LEU D 146 42.30 19.31 9.88
N ALA D 147 41.22 18.81 9.29
CA ALA D 147 40.81 19.21 7.96
C ALA D 147 39.91 20.45 8.07
N THR D 148 40.30 21.54 7.41
CA THR D 148 39.64 22.84 7.59
C THR D 148 39.35 23.59 6.29
N GLY D 149 38.28 24.37 6.30
CA GLY D 149 37.96 25.32 5.24
C GLY D 149 37.40 24.74 3.97
N PHE D 150 36.61 23.67 4.10
CA PHE D 150 36.01 23.02 2.94
C PHE D 150 34.51 23.29 2.83
N TYR D 151 34.00 23.20 1.60
CA TYR D 151 32.57 23.33 1.31
C TYR D 151 32.25 22.60 0.00
N PRO D 152 31.24 21.71 0.01
CA PRO D 152 30.36 21.34 1.12
C PRO D 152 30.95 20.20 1.95
N ASP D 153 30.18 19.69 2.91
CA ASP D 153 30.73 18.76 3.90
C ASP D 153 30.86 17.30 3.44
N HIS D 154 31.23 17.13 2.18
CA HIS D 154 31.53 15.81 1.62
C HIS D 154 32.98 15.43 1.83
N VAL D 155 33.32 14.91 3.01
CA VAL D 155 34.67 14.43 3.29
C VAL D 155 34.70 13.01 3.87
N GLU D 156 35.72 12.23 3.46
CA GLU D 156 35.98 10.91 4.02
C GLU D 156 37.41 10.84 4.57
N LEU D 157 37.54 10.89 5.89
CA LEU D 157 38.85 10.88 6.55
C LEU D 157 39.35 9.48 6.86
N SER D 158 40.65 9.25 6.66
CA SER D 158 41.27 7.96 6.92
C SER D 158 42.73 8.13 7.36
N TRP D 159 43.08 7.45 8.45
CA TRP D 159 44.45 7.44 8.96
C TRP D 159 45.28 6.32 8.33
N TRP D 160 46.53 6.63 8.02
CA TRP D 160 47.41 5.66 7.37
C TRP D 160 48.77 5.54 8.06
N VAL D 161 49.00 4.39 8.70
CA VAL D 161 50.26 4.11 9.38
C VAL D 161 51.11 3.13 8.58
N ASN D 162 52.26 3.61 8.11
CA ASN D 162 53.25 2.81 7.37
C ASN D 162 52.82 2.33 5.98
N GLY D 163 51.61 2.67 5.55
CA GLY D 163 51.11 2.28 4.23
C GLY D 163 49.82 1.47 4.30
N LYS D 164 49.35 1.21 5.51
CA LYS D 164 48.08 0.51 5.71
C LYS D 164 47.17 1.32 6.62
N GLU D 165 45.91 1.43 6.24
CA GLU D 165 44.90 2.20 6.97
C GLU D 165 44.51 1.52 8.29
N VAL D 166 44.45 2.30 9.36
CA VAL D 166 44.08 1.76 10.68
C VAL D 166 42.72 2.25 11.15
N HIS D 167 42.01 1.40 11.87
CA HIS D 167 40.74 1.77 12.50
C HIS D 167 40.87 1.72 14.02
N SER D 168 41.78 0.86 14.50
CA SER D 168 42.11 0.77 15.91
C SER D 168 42.79 2.04 16.40
N GLY D 169 42.25 2.63 17.47
CA GLY D 169 42.80 3.86 18.06
C GLY D 169 42.25 5.15 17.45
N VAL D 170 41.54 5.00 16.34
CA VAL D 170 41.01 6.14 15.59
C VAL D 170 39.60 6.50 16.07
N CYS D 171 39.31 7.79 16.07
CA CYS D 171 37.96 8.29 16.20
C CYS D 171 37.87 9.61 15.46
N THR D 172 36.80 9.78 14.70
CA THR D 172 36.57 11.00 13.92
C THR D 172 35.29 11.65 14.41
N ASP D 173 35.21 12.98 14.26
CA ASP D 173 34.00 13.72 14.61
C ASP D 173 32.79 13.18 13.85
N PRO D 174 31.64 13.06 14.53
CA PRO D 174 30.42 12.58 13.87
C PRO D 174 29.92 13.58 12.85
N GLN D 175 30.19 14.86 13.06
CA GLN D 175 29.78 15.92 12.15
C GLN D 175 30.82 17.03 12.08
N PRO D 176 30.95 17.69 10.91
CA PRO D 176 31.85 18.84 10.85
C PRO D 176 31.22 20.03 11.55
N LEU D 177 32.02 20.98 12.01
CA LEU D 177 31.46 22.19 12.60
C LEU D 177 31.63 23.40 11.68
N LYS D 178 30.66 24.30 11.74
CA LYS D 178 30.66 25.51 10.91
C LYS D 178 31.69 26.52 11.44
N GLU D 179 32.62 26.89 10.57
CA GLU D 179 33.67 27.85 10.91
C GLU D 179 33.10 29.26 11.13
N GLN D 180 32.01 29.58 10.45
CA GLN D 180 31.25 30.81 10.71
C GLN D 180 29.75 30.48 10.79
N PRO D 181 29.29 30.05 11.99
CA PRO D 181 27.93 29.51 12.20
C PRO D 181 26.79 30.49 11.86
N ALA D 182 27.09 31.78 11.86
CA ALA D 182 26.09 32.80 11.54
C ALA D 182 25.65 32.77 10.07
N LEU D 183 26.54 32.31 9.19
CA LEU D 183 26.30 32.33 7.74
C LEU D 183 25.71 31.01 7.22
N ASN D 184 24.76 31.13 6.29
CA ASN D 184 24.09 29.96 5.69
C ASN D 184 25.01 29.11 4.81
N ASP D 185 26.05 29.75 4.25
CA ASP D 185 27.02 29.05 3.39
C ASP D 185 28.41 29.03 4.03
N SER D 186 28.45 28.79 5.33
CA SER D 186 29.69 28.70 6.09
C SER D 186 30.51 27.49 5.68
N ARG D 187 31.83 27.65 5.69
CA ARG D 187 32.74 26.53 5.43
C ARG D 187 32.84 25.63 6.65
N TYR D 188 33.34 24.41 6.45
CA TYR D 188 33.37 23.41 7.51
C TYR D 188 34.78 23.01 7.92
N ALA D 189 34.89 22.49 9.14
CA ALA D 189 36.14 21.91 9.65
C ALA D 189 35.81 20.59 10.31
N LEU D 190 36.76 19.66 10.26
CA LEU D 190 36.60 18.34 10.84
C LEU D 190 37.89 17.90 11.51
N SER D 191 37.77 17.29 12.68
CA SER D 191 38.93 16.79 13.41
C SER D 191 38.82 15.30 13.70
N SER D 192 39.97 14.63 13.67
CA SER D 192 40.04 13.21 13.93
C SER D 192 41.32 12.91 14.70
N ARG D 193 41.31 11.84 15.49
CA ARG D 193 42.46 11.51 16.32
C ARG D 193 42.85 10.05 16.26
N LEU D 194 44.15 9.80 16.15
CA LEU D 194 44.71 8.47 16.26
C LEU D 194 45.56 8.42 17.51
N ARG D 195 45.32 7.41 18.34
CA ARG D 195 46.08 7.27 19.58
C ARG D 195 46.86 5.96 19.62
N VAL D 196 48.17 6.09 19.83
CA VAL D 196 49.07 4.94 19.90
C VAL D 196 49.87 4.89 21.21
N SER D 197 50.52 3.77 21.48
CA SER D 197 51.41 3.65 22.64
C SER D 197 52.65 4.53 22.47
N ALA D 198 53.13 5.09 23.57
CA ALA D 198 54.26 6.03 23.56
C ALA D 198 55.45 5.48 22.78
N THR D 199 55.80 4.23 23.03
CA THR D 199 56.94 3.58 22.38
C THR D 199 56.76 3.45 20.88
N PHE D 200 55.51 3.31 20.44
CA PHE D 200 55.20 3.22 19.02
C PHE D 200 55.42 4.54 18.29
N TRP D 201 55.12 5.64 18.97
CA TRP D 201 55.34 6.98 18.44
C TRP D 201 56.82 7.36 18.42
N GLN D 202 57.60 6.76 19.32
CA GLN D 202 59.01 7.12 19.50
C GLN D 202 59.96 6.44 18.51
N ASN D 203 59.44 5.45 17.79
CA ASN D 203 60.15 4.81 16.69
C ASN D 203 60.13 5.70 15.45
N PRO D 204 61.32 6.15 14.98
CA PRO D 204 61.45 7.07 13.85
C PRO D 204 61.17 6.43 12.48
N ARG D 205 61.12 5.09 12.46
CA ARG D 205 60.78 4.36 11.25
C ARG D 205 59.27 4.35 11.02
N ASN D 206 58.50 4.63 12.08
CA ASN D 206 57.05 4.68 12.02
C ASN D 206 56.53 5.95 11.34
N HIS D 207 55.67 5.75 10.35
CA HIS D 207 55.18 6.83 9.52
C HIS D 207 53.69 7.02 9.75
N PHE D 208 53.25 8.28 9.69
CA PHE D 208 51.84 8.57 9.86
C PHE D 208 51.36 9.51 8.75
N ARG D 209 50.15 9.26 8.28
CA ARG D 209 49.52 10.05 7.22
C ARG D 209 48.04 10.25 7.53
N CYS D 210 47.55 11.44 7.26
CA CYS D 210 46.13 11.74 7.42
C CYS D 210 45.55 12.03 6.06
N GLN D 211 44.65 11.16 5.60
CA GLN D 211 44.11 11.25 4.26
C GLN D 211 42.67 11.74 4.28
N VAL D 212 42.42 12.83 3.57
CA VAL D 212 41.06 13.37 3.44
C VAL D 212 40.62 13.38 1.98
N GLN D 213 39.70 12.48 1.66
CA GLN D 213 39.07 12.45 0.34
C GLN D 213 38.00 13.53 0.29
N PHE D 214 38.18 14.49 -0.61
CA PHE D 214 37.22 15.56 -0.79
C PHE D 214 36.46 15.34 -2.08
N TYR D 215 35.14 15.29 -1.96
CA TYR D 215 34.28 15.19 -3.14
C TYR D 215 33.82 16.56 -3.58
N GLY D 216 34.27 16.97 -4.76
CA GLY D 216 33.94 18.27 -5.32
C GLY D 216 33.54 18.20 -6.77
N LEU D 217 33.98 19.19 -7.54
CA LEU D 217 33.65 19.34 -8.94
C LEU D 217 34.30 18.28 -9.82
N SER D 218 33.79 18.13 -11.04
CA SER D 218 34.34 17.22 -12.03
C SER D 218 34.58 17.94 -13.36
N GLU D 219 34.94 17.18 -14.39
CA GLU D 219 35.28 17.74 -15.70
C GLU D 219 34.14 18.52 -16.35
N ASN D 220 32.95 17.91 -16.42
CA ASN D 220 31.79 18.50 -17.09
C ASN D 220 31.29 19.82 -16.49
N ASP D 221 31.85 20.19 -15.33
CA ASP D 221 31.54 21.44 -14.65
C ASP D 221 32.55 22.52 -15.04
N GLU D 222 32.05 23.61 -15.62
CA GLU D 222 32.90 24.71 -16.09
C GLU D 222 33.43 25.56 -14.93
N TRP D 223 34.67 26.02 -15.08
CA TRP D 223 35.31 26.86 -14.06
C TRP D 223 35.96 28.09 -14.68
N THR D 224 35.86 29.22 -13.99
CA THR D 224 36.31 30.50 -14.52
C THR D 224 37.19 31.32 -13.57
N GLN D 225 37.06 31.05 -12.26
CA GLN D 225 37.71 31.87 -11.23
C GLN D 225 39.23 31.76 -11.18
N ASP D 226 39.87 32.72 -10.52
CA ASP D 226 41.34 32.84 -10.47
C ASP D 226 42.03 31.76 -9.63
N ARG D 227 41.29 31.17 -8.70
CA ARG D 227 41.79 30.04 -7.92
C ARG D 227 41.78 28.76 -8.76
N ALA D 228 42.38 27.70 -8.23
CA ALA D 228 42.41 26.40 -8.90
C ALA D 228 41.03 25.73 -8.83
N LYS D 229 40.65 25.04 -9.91
CA LYS D 229 39.38 24.34 -9.99
C LYS D 229 39.26 23.33 -8.83
N PRO D 230 38.24 23.50 -7.97
CA PRO D 230 38.08 22.72 -6.74
C PRO D 230 37.54 21.31 -7.00
N VAL D 231 38.28 20.52 -7.77
CA VAL D 231 37.84 19.18 -8.17
C VAL D 231 37.86 18.19 -7.01
N THR D 232 37.31 17.00 -7.25
CA THR D 232 37.42 15.89 -6.31
C THR D 232 38.90 15.54 -6.17
N GLN D 233 39.37 15.48 -4.94
CA GLN D 233 40.80 15.31 -4.65
C GLN D 233 41.08 14.77 -3.26
N ILE D 234 42.25 14.16 -3.09
CA ILE D 234 42.75 13.72 -1.80
C ILE D 234 43.77 14.73 -1.29
N VAL D 235 43.58 15.21 -0.07
CA VAL D 235 44.53 16.12 0.57
C VAL D 235 45.13 15.45 1.80
N SER D 236 46.46 15.38 1.86
CA SER D 236 47.14 14.63 2.92
C SER D 236 48.20 15.40 3.70
N ALA D 237 48.07 15.38 5.02
CA ALA D 237 49.11 15.85 5.93
C ALA D 237 49.78 14.65 6.59
N GLU D 238 51.07 14.78 6.89
CA GLU D 238 51.85 13.64 7.41
C GLU D 238 52.88 14.02 8.48
N ALA D 239 53.20 13.02 9.33
CA ALA D 239 54.17 13.16 10.40
C ALA D 239 55.05 11.92 10.52
N TRP D 240 56.27 12.09 11.01
CA TRP D 240 57.15 10.97 11.34
C TRP D 240 57.42 10.90 12.84
N GLY D 241 57.71 9.70 13.33
CA GLY D 241 57.97 9.46 14.74
C GLY D 241 59.23 10.13 15.26
N ARG D 242 59.18 10.59 16.51
CA ARG D 242 60.29 11.32 17.14
C ARG D 242 60.90 10.56 18.31
N ALA D 243 62.16 10.17 18.16
CA ALA D 243 62.95 9.63 19.27
C ALA D 243 63.09 10.69 20.39
N ASP D 244 63.57 11.87 20.02
CA ASP D 244 63.77 13.02 20.93
C ASP D 244 64.54 12.70 22.23
C1 NAG E . -11.25 8.07 -15.01
C2 NAG E . -11.02 9.53 -15.38
C3 NAG E . -12.15 10.45 -14.88
C4 NAG E . -13.56 9.88 -15.00
C5 NAG E . -13.59 8.38 -14.67
C6 NAG E . -14.91 7.70 -15.03
C7 NAG E . -8.74 10.39 -15.62
C8 NAG E . -7.49 10.81 -14.89
N2 NAG E . -9.75 9.97 -14.84
O3 NAG E . -12.08 11.68 -15.57
O4 NAG E . -14.31 10.60 -13.99
O5 NAG E . -12.57 7.69 -15.36
O6 NAG E . -14.98 7.49 -16.42
O7 NAG E . -8.80 10.45 -16.84
C1 NAG E . -15.57 11.18 -14.39
C2 NAG E . -15.43 12.37 -15.34
C3 NAG E . -16.79 13.02 -15.61
C4 NAG E . -17.87 11.98 -15.94
C5 NAG E . -17.84 10.80 -14.98
C6 NAG E . -18.81 9.70 -15.40
N2 NAG E . -14.50 13.36 -14.80
O3 NAG E . -16.69 13.95 -16.66
O4 NAG E . -19.14 12.61 -15.86
O5 NAG E . -16.53 10.27 -14.92
C1 NAG F . -15.48 4.12 -4.30
C2 NAG F . -15.43 5.54 -4.86
C3 NAG F . -14.06 6.20 -4.69
C4 NAG F . -13.40 5.96 -3.33
C5 NAG F . -13.63 4.52 -2.85
C6 NAG F . -13.23 4.30 -1.39
C7 NAG F . -16.79 6.22 -6.80
C8 NAG F . -17.65 7.07 -5.92
N2 NAG F . -15.78 5.52 -6.27
O3 NAG F . -14.20 7.58 -4.88
O4 NAG F . -12.02 6.23 -3.47
O5 NAG F . -14.99 4.15 -2.98
O6 NAG F . -14.26 4.72 -0.53
O7 NAG F . -17.03 6.16 -8.01
C1 NAG F . -11.45 7.24 -2.59
C2 NAG F . -11.82 8.68 -2.96
C3 NAG F . -11.26 9.72 -1.97
C4 NAG F . -11.12 9.24 -0.52
C5 NAG F . -10.79 7.74 -0.40
C6 NAG F . -10.90 7.22 1.03
N2 NAG F . -11.35 8.97 -4.30
O4 NAG F . -10.08 9.98 0.10
O5 NAG F . -11.70 7.02 -1.21
C1 NAG G . -9.37 -26.19 3.59
C2 NAG G . -8.05 -26.56 4.27
C3 NAG G . -7.06 -27.01 3.23
C4 NAG G . -7.62 -28.07 2.26
C5 NAG G . -9.08 -27.80 1.87
C6 NAG G . -9.75 -29.06 1.32
C7 NAG G . -7.79 -25.22 6.31
C8 NAG G . -7.15 -24.01 6.93
N2 NAG G . -7.51 -25.45 5.03
O3 NAG G . -5.91 -27.51 3.90
O4 NAG G . -6.84 -28.12 1.08
O5 NAG G . -9.86 -27.35 2.97
O6 NAG G . -11.15 -28.87 1.25
O7 NAG G . -8.55 -25.92 6.98
C1 NAG G . -5.91 -29.22 1.10
C2 NAG G . -5.48 -29.61 -0.31
C3 NAG G . -4.41 -30.70 -0.31
C4 NAG G . -3.30 -30.42 0.71
C5 NAG G . -3.88 -30.04 2.07
C6 NAG G . -2.79 -29.59 3.06
C7 NAG G . -7.03 -29.52 -2.21
C8 NAG G . -8.28 -30.08 -2.82
N2 NAG G . -6.66 -30.05 -1.03
O3 NAG G . -3.86 -30.84 -1.59
O4 NAG G . -2.46 -31.55 0.81
O5 NAG G . -4.77 -28.93 1.94
O6 NAG G . -2.75 -28.17 3.11
O7 NAG G . -6.40 -28.63 -2.78
C1 DB3 H . -5.14 -7.89 2.56
C2 DB3 H . -5.91 -8.56 1.42
N2 DB3 H . -6.47 -9.84 1.91
C3 DB3 H . -4.97 -8.82 0.23
O3 DB3 H . -4.50 -7.56 -0.25
C4 DB3 H . -5.54 -9.58 -0.97
O4 DB3 H . -4.63 -9.45 -2.08
C5 DB3 H . -6.92 -9.13 -1.43
C6 DB3 H . -7.19 -9.51 -2.88
C7 DB3 H . -7.80 -10.91 -3.00
C8 DB3 H . -8.86 -10.93 -4.08
C9 DB3 H . -8.53 -11.93 -5.18
C10 DB3 H . -7.98 -11.25 -6.42
C11 DB3 H . -8.61 -11.84 -7.66
C12 DB3 H . -7.56 -12.55 -8.50
C13 DB3 H . -7.58 -12.06 -9.95
C14 DB3 H . -6.37 -11.18 -10.24
C15 DB3 H . -6.29 -10.84 -11.72
C16 DB3 H . -5.87 -9.39 -11.91
C17 DB3 H . -5.45 -9.14 -13.35
C18 DB3 H . -5.31 -7.66 -13.63
C1A DB3 H . -3.10 -8.08 3.79
O1A DB3 H . -4.09 -8.75 3.02
C2A DB3 H . -1.83 -8.94 3.77
O2A DB3 H . -1.40 -9.13 2.42
C3A DB3 H . -2.09 -10.29 4.43
O3A DB3 H . -0.87 -11.02 4.49
C4A DB3 H . -2.66 -10.10 5.85
O4A DB3 H . -1.64 -9.60 6.73
O5A DB3 H . -5.27 -7.74 7.18
C5M DB3 H . -3.85 -9.14 5.83
C6A DB3 H . -4.34 -8.81 7.24
O6A DB3 H . -3.51 -7.93 5.15
CAA DB3 H . -7.41 -9.98 2.87
OAA DB3 H . -7.94 -9.07 3.51
CAB DB3 H . -7.81 -11.41 3.17
CAC DB3 H . -9.32 -11.56 3.04
CAD DB3 H . -9.71 -12.33 1.80
CAE DB3 H . -11.18 -12.13 1.46
CAF DB3 H . -11.64 -13.05 0.32
CAG DB3 H . -12.70 -12.40 -0.56
CAH DB3 H . -14.12 -12.82 -0.18
CAI DB3 H . -15.06 -12.73 -1.38
CAJ DB3 H . -16.31 -11.90 -1.08
CAK DB3 H . -16.19 -10.52 -1.71
CAL DB3 H . -17.19 -9.64 -1.78
CAM DB3 H . -18.59 -9.88 -1.25
CAN DB3 H . -18.66 -9.47 0.21
CAO DB3 H . -19.80 -9.59 0.89
CAP DB3 H . -19.84 -9.18 2.35
CAQ DB3 H . -20.86 -10.04 3.11
CAR DB3 H . -20.31 -11.42 3.49
CAS DB3 H . -21.35 -12.24 4.23
CAT DB3 H . -20.72 -13.49 4.82
#